data_8P7G
#
_entry.id   8P7G
#
_entity_poly.entity_id   1
_entity_poly.type   'polypeptide(L)'
_entity_poly.pdbx_seq_one_letter_code
;ASQRRIRTTFTSAQLKELERVFAETHYPDIYTREELALKIDLTEARVQVWFQNRRAKFRKQER
;
_entity_poly.pdbx_strand_id   A
#
# COMPACT_ATOMS: atom_id res chain seq x y z
N ALA A 1 15.97 -2.25 5.37
CA ALA A 1 15.28 -1.31 6.26
C ALA A 1 14.03 -0.75 5.61
N SER A 2 13.08 -0.33 6.42
CA SER A 2 11.84 0.26 5.92
C SER A 2 12.03 1.72 5.56
N GLN A 3 11.04 2.29 4.87
CA GLN A 3 11.10 3.69 4.46
C GLN A 3 10.26 4.57 5.38
N ARG A 4 10.46 5.88 5.28
CA ARG A 4 9.72 6.82 6.10
C ARG A 4 8.23 6.74 5.84
N ARG A 5 7.44 6.67 6.91
CA ARG A 5 6.03 6.35 6.81
C ARG A 5 5.25 7.49 6.15
N ILE A 6 5.82 8.70 6.22
CA ILE A 6 5.17 9.89 5.68
C ILE A 6 5.89 10.39 4.45
N ARG A 7 6.64 9.52 3.80
CA ARG A 7 7.31 9.86 2.55
C ARG A 7 6.91 8.91 1.43
N THR A 8 6.70 9.47 0.24
CA THR A 8 6.35 8.67 -0.93
C THR A 8 7.61 8.23 -1.68
N THR A 9 7.76 6.92 -1.85
CA THR A 9 8.93 6.37 -2.52
C THR A 9 8.53 5.51 -3.72
N PHE A 10 7.35 5.77 -4.25
CA PHE A 10 6.78 4.93 -5.31
C PHE A 10 6.62 5.71 -6.60
N THR A 11 6.67 4.99 -7.73
CA THR A 11 6.38 5.59 -9.02
C THR A 11 4.88 5.59 -9.31
N SER A 12 4.49 6.28 -10.36
CA SER A 12 3.08 6.37 -10.75
C SER A 12 2.54 5.00 -11.12
N ALA A 13 3.41 4.14 -11.65
CA ALA A 13 3.04 2.77 -11.97
C ALA A 13 2.84 1.94 -10.71
N GLN A 14 3.75 2.09 -9.75
CA GLN A 14 3.66 1.37 -8.49
C GLN A 14 2.45 1.82 -7.68
N LEU A 15 2.21 3.12 -7.65
CA LEU A 15 1.06 3.67 -6.94
C LEU A 15 -0.25 3.24 -7.59
N LYS A 16 -0.25 3.17 -8.92
CA LYS A 16 -1.40 2.67 -9.65
C LYS A 16 -1.75 1.24 -9.24
N GLU A 17 -0.73 0.40 -9.13
CA GLU A 17 -0.92 -0.99 -8.75
C GLU A 17 -1.36 -1.10 -7.30
N LEU A 18 -0.72 -0.33 -6.43
CA LEU A 18 -1.07 -0.31 -5.01
C LEU A 18 -2.51 0.17 -4.81
N GLU A 19 -2.92 1.16 -5.61
CA GLU A 19 -4.28 1.68 -5.53
C GLU A 19 -5.29 0.66 -6.04
N ARG A 20 -4.96 0.01 -7.14
CA ARG A 20 -5.82 -1.03 -7.70
C ARG A 20 -6.07 -2.14 -6.69
N VAL A 21 -4.99 -2.62 -6.08
CA VAL A 21 -5.10 -3.69 -5.09
C VAL A 21 -5.91 -3.24 -3.87
N PHE A 22 -5.68 -2.01 -3.43
CA PHE A 22 -6.43 -1.43 -2.33
C PHE A 22 -7.92 -1.46 -2.60
N ALA A 23 -8.30 -1.03 -3.80
CA ALA A 23 -9.71 -0.98 -4.19
C ALA A 23 -10.34 -2.37 -4.12
N GLU A 24 -9.58 -3.38 -4.51
CA GLU A 24 -10.08 -4.76 -4.48
C GLU A 24 -10.02 -5.33 -3.07
N THR A 25 -8.84 -5.27 -2.46
CA THR A 25 -8.66 -5.76 -1.10
C THR A 25 -8.07 -4.67 -0.20
N HIS A 26 -8.90 -4.17 0.71
CA HIS A 26 -8.51 -3.06 1.58
C HIS A 26 -7.54 -3.52 2.67
N TYR A 27 -7.62 -4.81 3.01
CA TYR A 27 -6.74 -5.38 4.03
C TYR A 27 -6.01 -6.61 3.51
N PRO A 28 -4.90 -6.37 2.81
CA PRO A 28 -4.10 -7.46 2.27
C PRO A 28 -3.71 -8.45 3.35
N ASP A 29 -3.82 -9.74 3.04
CA ASP A 29 -3.43 -10.79 3.97
C ASP A 29 -1.93 -11.10 3.85
N ILE A 30 -1.51 -12.17 4.52
CA ILE A 30 -0.09 -12.49 4.63
C ILE A 30 0.54 -12.65 3.25
N TYR A 31 -0.11 -13.45 2.40
CA TYR A 31 0.46 -13.81 1.11
C TYR A 31 0.32 -12.68 0.11
N THR A 32 -0.76 -11.91 0.23
CA THR A 32 -0.98 -10.74 -0.61
C THR A 32 0.05 -9.66 -0.33
N ARG A 33 0.29 -9.40 0.95
CA ARG A 33 1.31 -8.42 1.35
C ARG A 33 2.70 -8.85 0.89
N GLU A 34 2.97 -10.15 0.97
CA GLU A 34 4.22 -10.71 0.47
C GLU A 34 4.41 -10.37 -1.01
N GLU A 35 3.38 -10.66 -1.80
CA GLU A 35 3.43 -10.39 -3.24
C GLU A 35 3.58 -8.90 -3.51
N LEU A 36 2.86 -8.08 -2.74
CA LEU A 36 2.96 -6.63 -2.85
C LEU A 36 4.38 -6.15 -2.55
N ALA A 37 5.00 -6.75 -1.54
CA ALA A 37 6.38 -6.44 -1.20
C ALA A 37 7.31 -6.72 -2.37
N LEU A 38 7.07 -7.84 -3.05
CA LEU A 38 7.87 -8.21 -4.21
C LEU A 38 7.66 -7.25 -5.36
N LYS A 39 6.44 -6.74 -5.49
CA LYS A 39 6.10 -5.81 -6.56
C LYS A 39 6.85 -4.49 -6.39
N ILE A 40 6.99 -4.04 -5.16
CA ILE A 40 7.64 -2.78 -4.86
C ILE A 40 9.09 -2.98 -4.43
N ASP A 41 9.47 -4.25 -4.23
CA ASP A 41 10.84 -4.58 -3.88
C ASP A 41 11.22 -3.96 -2.54
N LEU A 42 10.28 -3.95 -1.61
CA LEU A 42 10.54 -3.41 -0.26
C LEU A 42 9.92 -4.30 0.80
N THR A 43 10.44 -4.18 2.03
CA THR A 43 9.94 -4.98 3.14
C THR A 43 8.42 -4.94 3.23
N GLU A 44 7.83 -6.00 3.75
CA GLU A 44 6.38 -6.09 3.89
C GLU A 44 5.84 -4.99 4.80
N ALA A 45 6.70 -4.54 5.72
CA ALA A 45 6.34 -3.44 6.62
C ALA A 45 5.97 -2.19 5.83
N ARG A 46 6.65 -1.97 4.71
CA ARG A 46 6.40 -0.80 3.88
C ARG A 46 5.03 -0.88 3.22
N VAL A 47 4.66 -2.08 2.77
CA VAL A 47 3.33 -2.31 2.22
C VAL A 47 2.26 -2.07 3.27
N GLN A 48 2.47 -2.59 4.47
CA GLN A 48 1.50 -2.48 5.56
C GLN A 48 1.23 -1.03 5.90
N VAL A 49 2.28 -0.22 5.91
CA VAL A 49 2.16 1.21 6.21
C VAL A 49 1.33 1.91 5.15
N TRP A 50 1.64 1.65 3.89
CA TRP A 50 0.98 2.32 2.77
C TRP A 50 -0.53 2.06 2.80
N PHE A 51 -0.90 0.81 3.00
CA PHE A 51 -2.31 0.41 2.97
C PHE A 51 -3.03 0.87 4.23
N GLN A 52 -2.29 0.93 5.34
CA GLN A 52 -2.84 1.43 6.59
C GLN A 52 -3.15 2.92 6.49
N ASN A 53 -2.22 3.68 5.91
CA ASN A 53 -2.42 5.11 5.70
C ASN A 53 -3.47 5.37 4.63
N ARG A 54 -3.45 4.56 3.58
CA ARG A 54 -4.43 4.68 2.51
C ARG A 54 -5.84 4.39 3.00
N ARG A 55 -5.96 3.40 3.89
CA ARG A 55 -7.24 3.05 4.47
C ARG A 55 -7.77 4.15 5.38
N ALA A 56 -6.86 4.76 6.14
CA ALA A 56 -7.20 5.91 6.96
C ALA A 56 -7.69 7.07 6.11
N LYS A 57 -6.99 7.34 5.01
CA LYS A 57 -7.38 8.39 4.09
C LYS A 57 -8.73 8.08 3.44
N PHE A 58 -8.93 6.81 3.09
CA PHE A 58 -10.20 6.37 2.54
C PHE A 58 -11.35 6.67 3.50
N ARG A 59 -11.16 6.32 4.76
CA ARG A 59 -12.20 6.54 5.78
C ARG A 59 -12.49 8.03 5.94
N LYS A 60 -11.45 8.85 5.88
CA LYS A 60 -11.60 10.29 5.99
C LYS A 60 -12.39 10.85 4.81
N GLN A 61 -12.19 10.26 3.63
CA GLN A 61 -12.85 10.74 2.42
C GLN A 61 -14.12 9.95 2.15
N GLU A 62 -14.34 8.90 2.94
CA GLU A 62 -15.55 8.08 2.81
C GLU A 62 -16.80 8.89 3.12
N ARG A 63 -17.79 8.80 2.24
CA ARG A 63 -19.05 9.51 2.42
C ARG A 63 -20.23 8.62 2.10
N ALA A 1 0.97 30.01 -8.19
CA ALA A 1 1.57 28.69 -8.00
C ALA A 1 1.63 28.34 -6.51
N SER A 2 1.90 27.06 -6.23
CA SER A 2 1.99 26.59 -4.85
C SER A 2 2.87 25.35 -4.75
N GLN A 3 3.61 25.24 -3.66
CA GLN A 3 4.49 24.09 -3.44
C GLN A 3 3.70 22.86 -3.04
N ARG A 4 3.85 21.79 -3.81
CA ARG A 4 3.21 20.52 -3.50
C ARG A 4 3.82 19.89 -2.26
N ARG A 5 2.97 19.53 -1.30
CA ARG A 5 3.42 18.97 -0.04
C ARG A 5 3.17 17.46 0.02
N ILE A 6 2.74 16.91 -1.11
CA ILE A 6 2.51 15.46 -1.21
C ILE A 6 3.84 14.71 -1.28
N ARG A 7 4.00 13.73 -0.41
CA ARG A 7 5.22 12.95 -0.35
C ARG A 7 4.93 11.45 -0.26
N THR A 8 5.84 10.65 -0.79
CA THR A 8 5.68 9.20 -0.76
C THR A 8 7.02 8.49 -0.92
N THR A 9 7.03 7.19 -0.66
CA THR A 9 8.23 6.37 -0.86
C THR A 9 8.04 5.36 -1.97
N PHE A 10 6.90 5.44 -2.65
CA PHE A 10 6.58 4.51 -3.73
C PHE A 10 6.55 5.22 -5.07
N THR A 11 6.85 4.49 -6.14
CA THR A 11 6.76 5.02 -7.50
C THR A 11 5.34 4.92 -8.04
N SER A 12 5.11 5.54 -9.18
CA SER A 12 3.78 5.54 -9.79
C SER A 12 3.34 4.13 -10.16
N ALA A 13 4.30 3.29 -10.51
CA ALA A 13 4.01 1.88 -10.81
C ALA A 13 3.71 1.11 -9.53
N GLN A 14 4.49 1.35 -8.49
CA GLN A 14 4.27 0.72 -7.20
C GLN A 14 2.94 1.15 -6.58
N LEU A 15 2.64 2.44 -6.70
CA LEU A 15 1.39 2.99 -6.20
C LEU A 15 0.19 2.42 -6.97
N LYS A 16 0.37 2.24 -8.27
CA LYS A 16 -0.66 1.65 -9.11
C LYS A 16 -1.11 0.29 -8.58
N GLU A 17 -0.12 -0.55 -8.26
CA GLU A 17 -0.40 -1.88 -7.73
C GLU A 17 -1.01 -1.80 -6.34
N LEU A 18 -0.52 -0.87 -5.53
CA LEU A 18 -1.04 -0.67 -4.19
C LEU A 18 -2.50 -0.25 -4.21
N GLU A 19 -2.84 0.64 -5.14
CA GLU A 19 -4.20 1.13 -5.28
C GLU A 19 -5.14 0.04 -5.79
N ARG A 20 -4.66 -0.75 -6.74
CA ARG A 20 -5.41 -1.88 -7.25
C ARG A 20 -5.77 -2.86 -6.14
N VAL A 21 -4.78 -3.20 -5.32
CA VAL A 21 -5.00 -4.09 -4.19
C VAL A 21 -5.96 -3.47 -3.17
N PHE A 22 -5.80 -2.18 -2.93
CA PHE A 22 -6.67 -1.47 -2.00
C PHE A 22 -8.13 -1.58 -2.40
N ALA A 23 -8.40 -1.47 -3.70
CA ALA A 23 -9.74 -1.65 -4.22
C ALA A 23 -10.28 -3.04 -3.90
N GLU A 24 -9.40 -4.04 -3.97
CA GLU A 24 -9.76 -5.41 -3.63
C GLU A 24 -9.95 -5.58 -2.13
N THR A 25 -9.06 -4.97 -1.36
CA THR A 25 -9.12 -5.06 0.10
C THR A 25 -8.36 -3.91 0.76
N HIS A 26 -8.91 -3.40 1.84
CA HIS A 26 -8.27 -2.31 2.58
C HIS A 26 -6.99 -2.78 3.25
N TYR A 27 -6.85 -4.08 3.43
CA TYR A 27 -5.63 -4.66 3.97
C TYR A 27 -5.29 -5.97 3.27
N PRO A 28 -4.08 -6.03 2.71
CA PRO A 28 -3.65 -7.22 1.97
C PRO A 28 -3.29 -8.35 2.92
N ASP A 29 -3.57 -9.58 2.50
CA ASP A 29 -3.22 -10.76 3.28
C ASP A 29 -1.82 -11.26 2.95
N ILE A 30 -1.47 -12.42 3.49
CA ILE A 30 -0.10 -12.92 3.39
C ILE A 30 0.34 -13.03 1.94
N TYR A 31 -0.50 -13.64 1.11
CA TYR A 31 -0.15 -13.92 -0.28
C TYR A 31 -0.25 -12.67 -1.14
N THR A 32 -1.15 -11.77 -0.77
CA THR A 32 -1.29 -10.50 -1.47
C THR A 32 -0.08 -9.61 -1.23
N ARG A 33 0.39 -9.57 0.02
CA ARG A 33 1.58 -8.80 0.37
C ARG A 33 2.81 -9.40 -0.26
N GLU A 34 2.83 -10.72 -0.39
CA GLU A 34 3.89 -11.41 -1.13
C GLU A 34 3.98 -10.93 -2.57
N GLU A 35 2.83 -10.90 -3.24
CA GLU A 35 2.75 -10.35 -4.59
C GLU A 35 3.28 -8.92 -4.63
N LEU A 36 2.79 -8.08 -3.71
CA LEU A 36 3.22 -6.69 -3.65
C LEU A 36 4.72 -6.58 -3.38
N ALA A 37 5.22 -7.45 -2.52
CA ALA A 37 6.65 -7.46 -2.18
C ALA A 37 7.50 -7.74 -3.40
N LEU A 38 7.03 -8.67 -4.24
CA LEU A 38 7.75 -9.04 -5.45
C LEU A 38 7.71 -7.92 -6.48
N LYS A 39 6.58 -7.24 -6.55
CA LYS A 39 6.36 -6.20 -7.55
C LYS A 39 6.96 -4.88 -7.09
N ILE A 40 6.95 -4.65 -5.79
CA ILE A 40 7.40 -3.37 -5.23
C ILE A 40 8.86 -3.45 -4.79
N ASP A 41 9.21 -4.52 -4.09
CA ASP A 41 10.57 -4.74 -3.65
C ASP A 41 10.99 -3.72 -2.59
N LEU A 42 10.03 -3.34 -1.76
CA LEU A 42 10.32 -2.48 -0.61
C LEU A 42 9.86 -3.12 0.69
N THR A 43 10.18 -2.48 1.81
CA THR A 43 9.87 -3.03 3.13
C THR A 43 8.39 -3.38 3.23
N GLU A 44 8.10 -4.63 3.57
CA GLU A 44 6.73 -5.10 3.68
C GLU A 44 5.94 -4.27 4.69
N ALA A 45 6.58 -3.94 5.80
CA ALA A 45 5.95 -3.12 6.84
C ALA A 45 5.52 -1.77 6.28
N ARG A 46 6.38 -1.19 5.46
CA ARG A 46 6.10 0.12 4.87
C ARG A 46 4.90 0.04 3.92
N VAL A 47 4.81 -1.06 3.19
CA VAL A 47 3.65 -1.33 2.34
C VAL A 47 2.37 -1.34 3.16
N GLN A 48 2.40 -2.04 4.29
CA GLN A 48 1.24 -2.13 5.17
C GLN A 48 0.85 -0.77 5.71
N VAL A 49 1.84 0.04 6.04
CA VAL A 49 1.60 1.40 6.52
C VAL A 49 0.84 2.22 5.48
N TRP A 50 1.22 2.05 4.21
CA TRP A 50 0.55 2.74 3.12
C TRP A 50 -0.95 2.44 3.12
N PHE A 51 -1.29 1.17 3.33
CA PHE A 51 -2.68 0.74 3.34
C PHE A 51 -3.43 1.29 4.55
N GLN A 52 -2.72 1.42 5.67
CA GLN A 52 -3.28 2.01 6.87
C GLN A 52 -3.61 3.48 6.66
N ASN A 53 -2.68 4.20 6.05
CA ASN A 53 -2.89 5.62 5.76
C ASN A 53 -3.90 5.82 4.65
N ARG A 54 -3.86 4.95 3.65
CA ARG A 54 -4.80 5.01 2.53
C ARG A 54 -6.23 4.77 3.00
N ARG A 55 -6.40 3.81 3.90
CA ARG A 55 -7.71 3.52 4.48
C ARG A 55 -8.24 4.72 5.26
N ALA A 56 -7.37 5.35 6.04
CA ALA A 56 -7.73 6.56 6.77
C ALA A 56 -8.14 7.68 5.83
N LYS A 57 -7.37 7.86 4.77
CA LYS A 57 -7.69 8.86 3.75
C LYS A 57 -8.98 8.51 3.01
N PHE A 58 -9.19 7.21 2.79
CA PHE A 58 -10.41 6.74 2.14
C PHE A 58 -11.64 7.13 2.94
N ARG A 59 -11.56 6.98 4.26
CA ARG A 59 -12.64 7.40 5.14
C ARG A 59 -12.85 8.90 5.08
N LYS A 60 -11.76 9.65 4.99
CA LYS A 60 -11.82 11.10 4.81
C LYS A 60 -12.48 11.45 3.48
N GLN A 61 -12.24 10.62 2.48
CA GLN A 61 -12.90 10.79 1.18
C GLN A 61 -14.39 10.52 1.26
N GLU A 62 -14.76 9.55 2.10
CA GLU A 62 -16.16 9.26 2.35
C GLU A 62 -16.84 10.43 3.05
N ARG A 63 -16.12 11.06 3.99
CA ARG A 63 -16.66 12.18 4.75
C ARG A 63 -16.80 13.42 3.87
N ALA A 1 9.72 -10.25 2.18
CA ALA A 1 10.77 -9.38 1.65
C ALA A 1 11.48 -8.62 2.75
N SER A 2 11.67 -9.29 3.89
CA SER A 2 12.27 -8.66 5.05
C SER A 2 13.75 -8.37 4.83
N GLN A 3 14.33 -8.99 3.81
CA GLN A 3 15.74 -8.83 3.50
C GLN A 3 15.95 -7.68 2.52
N ARG A 4 14.86 -7.07 2.08
CA ARG A 4 14.93 -5.93 1.18
C ARG A 4 14.81 -4.61 1.94
N ARG A 5 15.46 -3.57 1.42
CA ARG A 5 15.51 -2.29 2.11
C ARG A 5 14.17 -1.57 2.03
N ILE A 6 13.76 -0.98 3.16
CA ILE A 6 12.51 -0.22 3.21
C ILE A 6 12.56 0.98 2.28
N ARG A 7 11.41 1.36 1.75
CA ARG A 7 11.32 2.50 0.84
C ARG A 7 10.33 3.54 1.35
N THR A 8 10.56 4.80 1.00
CA THR A 8 9.69 5.89 1.44
C THR A 8 9.01 6.57 0.25
N THR A 9 9.14 5.96 -0.92
CA THR A 9 8.55 6.52 -2.13
C THR A 9 8.15 5.41 -3.10
N PHE A 10 7.14 5.69 -3.91
CA PHE A 10 6.60 4.71 -4.85
C PHE A 10 6.48 5.31 -6.26
N THR A 11 6.59 4.45 -7.26
CA THR A 11 6.37 4.86 -8.64
C THR A 11 4.90 4.80 -9.02
N SER A 12 4.56 5.35 -10.17
CA SER A 12 3.18 5.37 -10.64
C SER A 12 2.67 3.96 -10.90
N ALA A 13 3.56 3.08 -11.32
CA ALA A 13 3.21 1.67 -11.53
C ALA A 13 3.02 0.95 -10.21
N GLN A 14 3.89 1.24 -9.25
CA GLN A 14 3.80 0.64 -7.93
C GLN A 14 2.54 1.12 -7.20
N LEU A 15 2.24 2.40 -7.31
CA LEU A 15 1.03 2.97 -6.72
C LEU A 15 -0.22 2.43 -7.40
N LYS A 16 -0.13 2.21 -8.71
CA LYS A 16 -1.22 1.62 -9.46
C LYS A 16 -1.60 0.25 -8.89
N GLU A 17 -0.59 -0.58 -8.63
CA GLU A 17 -0.82 -1.90 -8.05
C GLU A 17 -1.35 -1.79 -6.63
N LEU A 18 -0.79 -0.87 -5.85
CA LEU A 18 -1.23 -0.66 -4.48
C LEU A 18 -2.68 -0.19 -4.43
N GLU A 19 -3.05 0.70 -5.35
CA GLU A 19 -4.40 1.23 -5.40
C GLU A 19 -5.39 0.18 -5.90
N ARG A 20 -4.97 -0.60 -6.88
CA ARG A 20 -5.79 -1.69 -7.40
C ARG A 20 -6.14 -2.68 -6.31
N VAL A 21 -5.12 -3.08 -5.53
CA VAL A 21 -5.33 -3.99 -4.42
C VAL A 21 -6.22 -3.36 -3.34
N PHE A 22 -6.01 -2.08 -3.10
CA PHE A 22 -6.81 -1.34 -2.12
C PHE A 22 -8.29 -1.42 -2.48
N ALA A 23 -8.60 -1.27 -3.76
CA ALA A 23 -9.97 -1.43 -4.25
C ALA A 23 -10.50 -2.82 -3.95
N GLU A 24 -9.64 -3.82 -4.09
CA GLU A 24 -10.01 -5.20 -3.79
C GLU A 24 -10.17 -5.41 -2.28
N THR A 25 -9.32 -4.74 -1.51
CA THR A 25 -9.37 -4.85 -0.05
C THR A 25 -8.53 -3.75 0.61
N HIS A 26 -9.05 -3.19 1.69
CA HIS A 26 -8.36 -2.13 2.41
C HIS A 26 -7.11 -2.66 3.10
N TYR A 27 -7.04 -3.99 3.25
CA TYR A 27 -5.84 -4.63 3.77
C TYR A 27 -5.58 -5.95 3.06
N PRO A 28 -4.39 -6.07 2.48
CA PRO A 28 -4.02 -7.28 1.76
C PRO A 28 -3.67 -8.41 2.71
N ASP A 29 -3.79 -9.65 2.22
CA ASP A 29 -3.40 -10.82 3.00
C ASP A 29 -1.91 -11.12 2.84
N ILE A 30 -1.47 -12.22 3.42
CA ILE A 30 -0.04 -12.54 3.48
C ILE A 30 0.56 -12.63 2.09
N TYR A 31 -0.11 -13.38 1.22
CA TYR A 31 0.36 -13.55 -0.15
C TYR A 31 0.37 -12.22 -0.90
N THR A 32 -0.73 -11.48 -0.80
CA THR A 32 -0.91 -10.26 -1.58
C THR A 32 0.11 -9.20 -1.20
N ARG A 33 0.30 -9.01 0.11
CA ARG A 33 1.20 -7.99 0.62
C ARG A 33 2.66 -8.35 0.34
N GLU A 34 2.93 -9.65 0.30
CA GLU A 34 4.26 -10.12 -0.06
C GLU A 34 4.53 -9.93 -1.55
N GLU A 35 3.53 -10.24 -2.37
CA GLU A 35 3.60 -9.99 -3.81
C GLU A 35 3.89 -8.51 -4.09
N LEU A 36 3.15 -7.64 -3.43
CA LEU A 36 3.37 -6.20 -3.56
C LEU A 36 4.77 -5.82 -3.08
N ALA A 37 5.20 -6.42 -1.99
CA ALA A 37 6.53 -6.17 -1.45
C ALA A 37 7.61 -6.55 -2.43
N LEU A 38 7.39 -7.63 -3.16
CA LEU A 38 8.35 -8.10 -4.16
C LEU A 38 8.32 -7.22 -5.40
N LYS A 39 7.14 -6.77 -5.78
CA LYS A 39 6.99 -5.89 -6.93
C LYS A 39 7.58 -4.52 -6.66
N ILE A 40 7.47 -4.07 -5.41
CA ILE A 40 7.97 -2.75 -5.04
C ILE A 40 9.39 -2.82 -4.54
N ASP A 41 9.79 -4.00 -4.05
CA ASP A 41 11.15 -4.21 -3.58
C ASP A 41 11.40 -3.51 -2.25
N LEU A 42 10.54 -3.80 -1.26
CA LEU A 42 10.74 -3.32 0.09
C LEU A 42 10.14 -4.27 1.11
N THR A 43 10.45 -4.03 2.39
CA THR A 43 9.86 -4.81 3.48
C THR A 43 8.34 -4.74 3.45
N GLU A 44 7.69 -5.90 3.56
CA GLU A 44 6.25 -5.98 3.39
C GLU A 44 5.52 -5.19 4.47
N ALA A 45 6.20 -4.95 5.58
CA ALA A 45 5.69 -4.07 6.63
C ALA A 45 5.41 -2.68 6.08
N ARG A 46 6.28 -2.21 5.20
CA ARG A 46 6.13 -0.89 4.60
C ARG A 46 4.92 -0.83 3.68
N VAL A 47 4.66 -1.94 2.99
CA VAL A 47 3.44 -2.07 2.20
C VAL A 47 2.21 -1.91 3.07
N GLN A 48 2.19 -2.59 4.21
CA GLN A 48 1.05 -2.53 5.12
C GLN A 48 0.81 -1.11 5.62
N VAL A 49 1.90 -0.40 5.89
CA VAL A 49 1.82 1.00 6.32
C VAL A 49 1.07 1.84 5.30
N TRP A 50 1.38 1.64 4.03
CA TRP A 50 0.72 2.37 2.95
C TRP A 50 -0.78 2.16 2.99
N PHE A 51 -1.20 0.91 3.21
CA PHE A 51 -2.62 0.56 3.21
C PHE A 51 -3.32 1.12 4.44
N GLN A 52 -2.58 1.22 5.54
CA GLN A 52 -3.11 1.81 6.77
C GLN A 52 -3.32 3.32 6.61
N ASN A 53 -2.38 3.97 5.96
CA ASN A 53 -2.48 5.40 5.67
C ASN A 53 -3.54 5.67 4.61
N ARG A 54 -3.54 4.83 3.57
CA ARG A 54 -4.53 4.94 2.50
C ARG A 54 -5.94 4.74 3.03
N ARG A 55 -6.11 3.73 3.88
CA ARG A 55 -7.40 3.47 4.50
C ARG A 55 -7.84 4.63 5.38
N ALA A 56 -6.91 5.15 6.17
CA ALA A 56 -7.18 6.28 7.05
C ALA A 56 -7.67 7.49 6.26
N LYS A 57 -7.03 7.75 5.13
CA LYS A 57 -7.44 8.83 4.25
C LYS A 57 -8.79 8.53 3.60
N PHE A 58 -8.96 7.29 3.16
CA PHE A 58 -10.22 6.87 2.55
C PHE A 58 -11.39 7.06 3.51
N ARG A 59 -11.18 6.68 4.77
CA ARG A 59 -12.24 6.73 5.77
C ARG A 59 -12.16 8.02 6.59
N LYS A 60 -11.45 9.01 6.06
CA LYS A 60 -11.30 10.29 6.73
C LYS A 60 -12.65 10.97 6.93
N GLN A 61 -13.48 10.93 5.89
CA GLN A 61 -14.80 11.55 5.95
C GLN A 61 -15.87 10.52 6.30
N GLU A 62 -17.01 11.00 6.78
CA GLU A 62 -18.11 10.13 7.15
C GLU A 62 -18.68 9.42 5.92
N ARG A 63 -18.77 8.09 6.01
CA ARG A 63 -19.30 7.28 4.92
C ARG A 63 -20.46 6.42 5.39
N ALA A 1 3.68 9.69 6.20
CA ALA A 1 4.63 8.59 6.12
C ALA A 1 5.72 8.74 7.17
N SER A 2 6.02 9.98 7.53
CA SER A 2 7.11 10.26 8.46
C SER A 2 6.81 9.75 9.86
N GLN A 3 5.53 9.55 10.14
CA GLN A 3 5.11 9.09 11.46
C GLN A 3 5.43 7.62 11.67
N ARG A 4 5.93 6.97 10.62
CA ARG A 4 6.42 5.61 10.72
C ARG A 4 7.81 5.47 10.11
N ARG A 5 8.54 6.59 10.05
CA ARG A 5 9.90 6.58 9.51
C ARG A 5 9.93 6.06 8.09
N ILE A 6 8.94 6.47 7.29
CA ILE A 6 8.88 6.06 5.89
C ILE A 6 9.14 7.24 4.96
N ARG A 7 10.13 7.08 4.08
CA ARG A 7 10.40 8.08 3.05
C ARG A 7 9.80 7.66 1.72
N THR A 8 9.22 8.63 1.01
CA THR A 8 8.59 8.35 -0.27
C THR A 8 9.62 8.13 -1.37
N THR A 9 10.28 6.98 -1.31
CA THR A 9 11.29 6.62 -2.31
C THR A 9 10.68 5.78 -3.43
N PHE A 10 9.41 5.41 -3.26
CA PHE A 10 8.72 4.60 -4.25
C PHE A 10 8.28 5.45 -5.45
N THR A 11 7.83 4.79 -6.50
CA THR A 11 7.46 5.47 -7.74
C THR A 11 5.99 5.26 -8.07
N SER A 12 5.57 5.76 -9.23
CA SER A 12 4.16 5.80 -9.58
C SER A 12 3.65 4.42 -9.97
N ALA A 13 4.54 3.60 -10.52
CA ALA A 13 4.22 2.22 -10.85
C ALA A 13 3.94 1.41 -9.58
N GLN A 14 4.76 1.60 -8.57
CA GLN A 14 4.57 0.94 -7.28
C GLN A 14 3.31 1.45 -6.59
N LEU A 15 3.11 2.77 -6.64
CA LEU A 15 1.91 3.37 -6.08
C LEU A 15 0.65 2.87 -6.77
N LYS A 16 0.71 2.78 -8.09
CA LYS A 16 -0.41 2.28 -8.87
C LYS A 16 -0.83 0.89 -8.42
N GLU A 17 0.15 0.02 -8.20
CA GLU A 17 -0.13 -1.34 -7.76
C GLU A 17 -0.70 -1.36 -6.35
N LEU A 18 -0.18 -0.48 -5.50
CA LEU A 18 -0.71 -0.33 -4.14
C LEU A 18 -2.18 0.10 -4.18
N GLU A 19 -2.51 1.01 -5.07
CA GLU A 19 -3.87 1.51 -5.19
C GLU A 19 -4.79 0.45 -5.79
N ARG A 20 -4.29 -0.27 -6.78
CA ARG A 20 -5.05 -1.34 -7.41
C ARG A 20 -5.48 -2.39 -6.40
N VAL A 21 -4.52 -2.84 -5.58
CA VAL A 21 -4.79 -3.83 -4.56
C VAL A 21 -5.77 -3.29 -3.51
N PHE A 22 -5.59 -2.01 -3.15
CA PHE A 22 -6.50 -1.36 -2.21
C PHE A 22 -7.94 -1.41 -2.71
N ALA A 23 -8.12 -1.17 -4.01
CA ALA A 23 -9.44 -1.26 -4.62
C ALA A 23 -10.03 -2.66 -4.45
N GLU A 24 -9.17 -3.67 -4.57
CA GLU A 24 -9.59 -5.05 -4.36
C GLU A 24 -9.91 -5.31 -2.89
N THR A 25 -9.06 -4.78 -2.02
CA THR A 25 -9.29 -4.90 -0.58
C THR A 25 -8.45 -3.89 0.20
N HIS A 26 -9.05 -3.33 1.25
CA HIS A 26 -8.43 -2.24 1.98
C HIS A 26 -7.09 -2.67 2.58
N TYR A 27 -7.01 -3.94 2.97
CA TYR A 27 -5.75 -4.51 3.46
C TYR A 27 -5.60 -5.96 3.04
N PRO A 28 -4.53 -6.26 2.31
CA PRO A 28 -4.26 -7.61 1.85
C PRO A 28 -3.78 -8.50 2.99
N ASP A 29 -3.91 -9.81 2.82
CA ASP A 29 -3.44 -10.77 3.81
C ASP A 29 -1.96 -11.04 3.67
N ILE A 30 -1.46 -11.99 4.46
CA ILE A 30 -0.02 -12.23 4.54
C ILE A 30 0.55 -12.60 3.18
N TYR A 31 -0.09 -13.56 2.51
CA TYR A 31 0.37 -14.03 1.21
C TYR A 31 0.29 -12.92 0.18
N THR A 32 -0.86 -12.24 0.12
CA THR A 32 -1.10 -11.22 -0.90
C THR A 32 -0.16 -10.03 -0.71
N ARG A 33 0.00 -9.60 0.54
CA ARG A 33 0.88 -8.49 0.85
C ARG A 33 2.32 -8.80 0.48
N GLU A 34 2.78 -9.98 0.85
CA GLU A 34 4.11 -10.44 0.51
C GLU A 34 4.31 -10.49 -1.01
N GLU A 35 3.37 -11.14 -1.69
CA GLU A 35 3.41 -11.22 -3.15
C GLU A 35 3.53 -9.84 -3.77
N LEU A 36 2.65 -8.93 -3.36
CA LEU A 36 2.67 -7.55 -3.87
C LEU A 36 4.04 -6.92 -3.66
N ALA A 37 4.50 -6.92 -2.41
CA ALA A 37 5.73 -6.22 -2.05
C ALA A 37 6.90 -6.73 -2.89
N LEU A 38 6.94 -8.04 -3.11
CA LEU A 38 8.03 -8.66 -3.87
C LEU A 38 7.98 -8.27 -5.33
N LYS A 39 6.76 -8.15 -5.86
CA LYS A 39 6.58 -7.86 -7.28
C LYS A 39 6.84 -6.40 -7.60
N ILE A 40 6.46 -5.52 -6.67
CA ILE A 40 6.64 -4.09 -6.86
C ILE A 40 7.99 -3.63 -6.33
N ASP A 41 8.63 -4.48 -5.53
CA ASP A 41 9.96 -4.19 -5.01
C ASP A 41 9.92 -3.07 -3.99
N LEU A 42 9.06 -3.21 -2.98
CA LEU A 42 8.93 -2.20 -1.94
C LEU A 42 8.87 -2.85 -0.56
N THR A 43 9.57 -2.25 0.40
CA THR A 43 9.65 -2.79 1.75
C THR A 43 8.27 -3.15 2.27
N GLU A 44 8.11 -4.39 2.72
CA GLU A 44 6.82 -4.88 3.18
C GLU A 44 6.25 -3.97 4.27
N ALA A 45 7.11 -3.53 5.18
CA ALA A 45 6.70 -2.64 6.26
C ALA A 45 6.03 -1.38 5.72
N ARG A 46 6.62 -0.83 4.66
CA ARG A 46 6.06 0.36 4.02
C ARG A 46 4.73 0.04 3.34
N VAL A 47 4.65 -1.13 2.73
CA VAL A 47 3.41 -1.58 2.09
C VAL A 47 2.28 -1.70 3.11
N GLN A 48 2.57 -2.36 4.22
CA GLN A 48 1.57 -2.55 5.27
C GLN A 48 1.04 -1.21 5.78
N VAL A 49 1.95 -0.32 6.14
CA VAL A 49 1.59 0.99 6.68
C VAL A 49 0.80 1.80 5.66
N TRP A 50 1.21 1.71 4.40
CA TRP A 50 0.54 2.43 3.32
C TRP A 50 -0.94 2.09 3.27
N PHE A 51 -1.25 0.80 3.38
CA PHE A 51 -2.63 0.34 3.34
C PHE A 51 -3.41 0.80 4.57
N GLN A 52 -2.72 0.85 5.70
CA GLN A 52 -3.33 1.34 6.94
C GLN A 52 -3.70 2.82 6.83
N ASN A 53 -2.77 3.61 6.30
CA ASN A 53 -3.00 5.04 6.12
C ASN A 53 -4.01 5.30 5.01
N ARG A 54 -3.91 4.53 3.93
CA ARG A 54 -4.81 4.67 2.79
C ARG A 54 -6.25 4.37 3.20
N ARG A 55 -6.43 3.33 4.00
CA ARG A 55 -7.75 2.96 4.52
C ARG A 55 -8.30 4.07 5.40
N ALA A 56 -7.44 4.65 6.23
CA ALA A 56 -7.84 5.77 7.07
C ALA A 56 -8.29 6.96 6.24
N LYS A 57 -7.54 7.25 5.18
CA LYS A 57 -7.89 8.33 4.26
C LYS A 57 -9.21 8.06 3.56
N PHE A 58 -9.41 6.80 3.17
CA PHE A 58 -10.68 6.39 2.57
C PHE A 58 -11.85 6.67 3.51
N ARG A 59 -11.70 6.28 4.77
CA ARG A 59 -12.74 6.52 5.77
C ARG A 59 -13.01 8.01 5.94
N LYS A 60 -11.94 8.79 6.02
CA LYS A 60 -12.05 10.24 6.18
C LYS A 60 -12.77 10.88 4.99
N GLN A 61 -12.58 10.30 3.81
CA GLN A 61 -13.18 10.83 2.59
C GLN A 61 -14.29 9.91 2.08
N GLU A 62 -14.81 9.07 2.97
CA GLU A 62 -15.85 8.12 2.60
C GLU A 62 -17.19 8.83 2.41
N ARG A 63 -17.87 8.50 1.32
CA ARG A 63 -19.16 9.11 1.01
C ARG A 63 -19.88 8.34 -0.09
N ALA A 1 -0.51 15.35 4.24
CA ALA A 1 -0.05 15.02 2.90
C ALA A 1 -0.82 13.82 2.34
N SER A 2 -0.95 13.78 1.02
CA SER A 2 -1.63 12.67 0.35
C SER A 2 -0.70 11.48 0.19
N GLN A 3 -1.24 10.39 -0.35
CA GLN A 3 -0.45 9.20 -0.61
C GLN A 3 -0.09 9.09 -2.09
N ARG A 4 -0.15 10.21 -2.80
CA ARG A 4 0.19 10.24 -4.21
C ARG A 4 1.71 10.25 -4.41
N ARG A 5 2.13 10.03 -5.65
CA ARG A 5 3.55 9.88 -5.95
C ARG A 5 4.35 11.06 -5.42
N ILE A 6 3.80 12.26 -5.56
CA ILE A 6 4.52 13.48 -5.22
C ILE A 6 4.56 13.70 -3.72
N ARG A 7 3.97 12.78 -2.97
CA ARG A 7 4.00 12.83 -1.51
C ARG A 7 4.37 11.48 -0.92
N THR A 8 5.14 10.70 -1.67
CA THR A 8 5.63 9.41 -1.19
C THR A 8 6.93 9.03 -1.88
N THR A 9 7.35 7.78 -1.69
CA THR A 9 8.55 7.27 -2.35
C THR A 9 8.19 6.21 -3.39
N PHE A 10 6.93 5.78 -3.38
CA PHE A 10 6.44 4.83 -4.37
C PHE A 10 6.40 5.46 -5.76
N THR A 11 6.68 4.66 -6.77
CA THR A 11 6.56 5.09 -8.16
C THR A 11 5.14 4.92 -8.67
N SER A 12 4.87 5.47 -9.85
CA SER A 12 3.54 5.40 -10.45
C SER A 12 3.15 3.96 -10.74
N ALA A 13 4.14 3.13 -11.06
CA ALA A 13 3.92 1.71 -11.29
C ALA A 13 3.63 0.97 -9.98
N GLN A 14 4.39 1.31 -8.95
CA GLN A 14 4.19 0.72 -7.63
C GLN A 14 2.85 1.13 -7.04
N LEU A 15 2.51 2.40 -7.20
CA LEU A 15 1.22 2.92 -6.72
C LEU A 15 0.06 2.32 -7.49
N LYS A 16 0.26 2.08 -8.78
CA LYS A 16 -0.74 1.44 -9.61
C LYS A 16 -1.20 0.12 -9.02
N GLU A 17 -0.23 -0.72 -8.65
CA GLU A 17 -0.53 -2.02 -8.06
C GLU A 17 -1.12 -1.87 -6.66
N LEU A 18 -0.60 -0.91 -5.91
CA LEU A 18 -1.11 -0.62 -4.57
C LEU A 18 -2.57 -0.18 -4.63
N GLU A 19 -2.90 0.63 -5.64
CA GLU A 19 -4.26 1.12 -5.81
C GLU A 19 -5.21 0.00 -6.19
N ARG A 20 -4.77 -0.87 -7.09
CA ARG A 20 -5.56 -2.04 -7.48
C ARG A 20 -5.91 -2.91 -6.28
N VAL A 21 -4.89 -3.20 -5.47
CA VAL A 21 -5.08 -4.03 -4.29
C VAL A 21 -6.00 -3.34 -3.28
N PHE A 22 -5.81 -2.04 -3.10
CA PHE A 22 -6.62 -1.25 -2.19
C PHE A 22 -8.10 -1.33 -2.58
N ALA A 23 -8.37 -1.25 -3.88
CA ALA A 23 -9.73 -1.38 -4.39
C ALA A 23 -10.32 -2.74 -4.03
N GLU A 24 -9.48 -3.77 -4.07
CA GLU A 24 -9.91 -5.11 -3.70
C GLU A 24 -10.10 -5.23 -2.19
N THR A 25 -9.18 -4.65 -1.43
CA THR A 25 -9.26 -4.69 0.02
C THR A 25 -8.46 -3.55 0.65
N HIS A 26 -8.99 -3.00 1.74
CA HIS A 26 -8.31 -1.93 2.47
C HIS A 26 -7.03 -2.44 3.11
N TYR A 27 -6.97 -3.74 3.36
CA TYR A 27 -5.77 -4.37 3.90
C TYR A 27 -5.45 -5.66 3.17
N PRO A 28 -4.25 -5.75 2.61
CA PRO A 28 -3.84 -6.92 1.83
C PRO A 28 -3.56 -8.11 2.75
N ASP A 29 -3.80 -9.31 2.23
CA ASP A 29 -3.57 -10.53 2.99
C ASP A 29 -2.15 -11.06 2.77
N ILE A 30 -1.86 -12.22 3.35
CA ILE A 30 -0.51 -12.76 3.33
C ILE A 30 0.03 -12.87 1.92
N TYR A 31 -0.76 -13.48 1.05
CA TYR A 31 -0.35 -13.68 -0.34
C TYR A 31 -0.08 -12.35 -1.04
N THR A 32 -1.03 -11.42 -0.92
CA THR A 32 -0.99 -10.18 -1.68
C THR A 32 0.10 -9.26 -1.15
N ARG A 33 0.39 -9.37 0.14
CA ARG A 33 1.47 -8.59 0.75
C ARG A 33 2.83 -9.08 0.27
N GLU A 34 2.98 -10.40 0.16
CA GLU A 34 4.19 -10.99 -0.40
C GLU A 34 4.33 -10.63 -1.88
N GLU A 35 3.22 -10.67 -2.60
CA GLU A 35 3.20 -10.27 -4.00
C GLU A 35 3.68 -8.83 -4.16
N LEU A 36 3.07 -7.92 -3.39
CA LEU A 36 3.41 -6.50 -3.47
C LEU A 36 4.85 -6.27 -3.05
N ALA A 37 5.28 -6.93 -1.97
CA ALA A 37 6.62 -6.75 -1.44
C ALA A 37 7.67 -7.09 -2.48
N LEU A 38 7.43 -8.16 -3.24
CA LEU A 38 8.38 -8.62 -4.24
C LEU A 38 8.35 -7.74 -5.48
N LYS A 39 7.14 -7.40 -5.93
CA LYS A 39 6.97 -6.61 -7.14
C LYS A 39 7.39 -5.17 -6.92
N ILE A 40 7.06 -4.64 -5.74
CA ILE A 40 7.47 -3.30 -5.36
C ILE A 40 8.96 -3.26 -5.02
N ASP A 41 9.45 -4.32 -4.40
CA ASP A 41 10.82 -4.35 -3.89
C ASP A 41 10.97 -3.47 -2.66
N LEU A 42 10.12 -3.69 -1.66
CA LEU A 42 10.12 -2.86 -0.46
C LEU A 42 9.66 -3.66 0.75
N THR A 43 10.21 -3.31 1.92
CA THR A 43 9.86 -3.99 3.16
C THR A 43 8.34 -4.14 3.29
N GLU A 44 7.90 -5.36 3.56
CA GLU A 44 6.47 -5.66 3.64
C GLU A 44 5.76 -4.69 4.58
N ALA A 45 6.39 -4.41 5.72
CA ALA A 45 5.80 -3.52 6.71
C ALA A 45 5.54 -2.14 6.12
N ARG A 46 6.50 -1.64 5.35
CA ARG A 46 6.40 -0.31 4.76
C ARG A 46 5.26 -0.24 3.75
N VAL A 47 5.05 -1.34 3.03
CA VAL A 47 3.93 -1.45 2.12
C VAL A 47 2.60 -1.37 2.87
N GLN A 48 2.52 -2.04 4.01
CA GLN A 48 1.32 -2.04 4.83
C GLN A 48 0.99 -0.62 5.31
N VAL A 49 2.03 0.13 5.65
CA VAL A 49 1.85 1.50 6.13
C VAL A 49 1.04 2.32 5.14
N TRP A 50 1.37 2.18 3.85
CA TRP A 50 0.65 2.88 2.79
C TRP A 50 -0.84 2.56 2.85
N PHE A 51 -1.16 1.28 3.04
CA PHE A 51 -2.55 0.85 3.11
C PHE A 51 -3.22 1.36 4.37
N GLN A 52 -2.47 1.44 5.46
CA GLN A 52 -2.97 1.96 6.72
C GLN A 52 -3.33 3.43 6.60
N ASN A 53 -2.52 4.18 5.87
CA ASN A 53 -2.78 5.60 5.65
C ASN A 53 -4.04 5.80 4.82
N ARG A 54 -4.19 5.01 3.76
CA ARG A 54 -5.35 5.10 2.89
C ARG A 54 -6.61 4.61 3.59
N ARG A 55 -6.46 3.56 4.39
CA ARG A 55 -7.57 3.01 5.14
C ARG A 55 -8.06 3.99 6.20
N ALA A 56 -7.12 4.72 6.80
CA ALA A 56 -7.45 5.77 7.75
C ALA A 56 -8.25 6.88 7.07
N LYS A 57 -7.85 7.24 5.86
CA LYS A 57 -8.57 8.22 5.06
C LYS A 57 -9.99 7.74 4.77
N PHE A 58 -10.12 6.48 4.38
CA PHE A 58 -11.41 5.90 4.03
C PHE A 58 -11.93 4.98 5.13
N ARG A 59 -11.73 5.40 6.38
CA ARG A 59 -12.15 4.60 7.53
C ARG A 59 -13.67 4.52 7.60
N LYS A 60 -14.35 5.44 6.91
CA LYS A 60 -15.80 5.47 6.90
C LYS A 60 -16.37 4.60 5.78
N GLN A 61 -15.47 3.96 5.02
CA GLN A 61 -15.88 3.07 3.95
C GLN A 61 -15.80 1.61 4.39
N GLU A 62 -15.52 1.41 5.67
CA GLU A 62 -15.45 0.05 6.22
C GLU A 62 -16.83 -0.60 6.24
N ARG A 63 -16.85 -1.91 6.03
CA ARG A 63 -18.10 -2.66 6.01
C ARG A 63 -18.22 -3.54 7.25
N ALA A 1 -0.64 14.98 -3.84
CA ALA A 1 0.60 14.56 -4.49
C ALA A 1 0.31 13.66 -5.68
N SER A 2 1.06 13.87 -6.76
CA SER A 2 0.93 13.06 -7.96
C SER A 2 1.71 11.77 -7.84
N GLN A 3 1.70 10.96 -8.90
CA GLN A 3 2.41 9.69 -8.91
C GLN A 3 3.89 9.89 -9.21
N ARG A 4 4.28 11.13 -9.48
CA ARG A 4 5.67 11.46 -9.77
C ARG A 4 6.54 11.31 -8.54
N ARG A 5 7.80 10.95 -8.75
CA ARG A 5 8.71 10.67 -7.64
C ARG A 5 9.12 11.96 -6.92
N ILE A 6 8.83 13.10 -7.54
CA ILE A 6 9.12 14.39 -6.94
C ILE A 6 8.01 14.83 -6.00
N ARG A 7 6.91 14.09 -6.02
CA ARG A 7 5.76 14.40 -5.17
C ARG A 7 5.57 13.36 -4.08
N THR A 8 5.89 12.11 -4.41
CA THR A 8 5.73 11.01 -3.47
C THR A 8 6.79 9.94 -3.67
N THR A 9 7.02 9.13 -2.65
CA THR A 9 8.07 8.12 -2.68
C THR A 9 7.78 7.05 -3.72
N PHE A 10 6.53 6.60 -3.76
CA PHE A 10 6.13 5.49 -4.62
C PHE A 10 5.99 5.93 -6.07
N THR A 11 6.33 5.05 -6.99
CA THR A 11 6.18 5.33 -8.42
C THR A 11 4.76 5.03 -8.89
N SER A 12 4.45 5.43 -10.12
CA SER A 12 3.13 5.20 -10.69
C SER A 12 2.83 3.70 -10.80
N ALA A 13 3.87 2.91 -11.04
CA ALA A 13 3.74 1.46 -11.11
C ALA A 13 3.50 0.86 -9.74
N GLN A 14 4.25 1.34 -8.74
CA GLN A 14 4.10 0.87 -7.37
C GLN A 14 2.74 1.26 -6.80
N LEU A 15 2.31 2.48 -7.08
CA LEU A 15 1.01 2.96 -6.61
C LEU A 15 -0.12 2.25 -7.33
N LYS A 16 0.08 1.94 -8.60
CA LYS A 16 -0.90 1.20 -9.37
C LYS A 16 -1.27 -0.11 -8.69
N GLU A 17 -0.25 -0.88 -8.29
CA GLU A 17 -0.47 -2.16 -7.63
C GLU A 17 -1.06 -1.96 -6.24
N LEU A 18 -0.57 -0.96 -5.52
CA LEU A 18 -1.04 -0.65 -4.18
C LEU A 18 -2.53 -0.30 -4.20
N GLU A 19 -2.92 0.53 -5.16
CA GLU A 19 -4.30 0.98 -5.26
C GLU A 19 -5.21 -0.14 -5.74
N ARG A 20 -4.71 -0.95 -6.68
CA ARG A 20 -5.45 -2.10 -7.17
C ARG A 20 -5.80 -3.05 -6.03
N VAL A 21 -4.81 -3.39 -5.22
CA VAL A 21 -5.02 -4.26 -4.06
C VAL A 21 -5.99 -3.63 -3.07
N PHE A 22 -5.83 -2.32 -2.83
CA PHE A 22 -6.70 -1.60 -1.92
C PHE A 22 -8.16 -1.71 -2.34
N ALA A 23 -8.41 -1.59 -3.64
CA ALA A 23 -9.75 -1.75 -4.19
C ALA A 23 -10.28 -3.15 -3.90
N GLU A 24 -9.40 -4.15 -4.00
CA GLU A 24 -9.79 -5.53 -3.71
C GLU A 24 -9.95 -5.76 -2.21
N THR A 25 -9.17 -5.03 -1.42
CA THR A 25 -9.22 -5.17 0.03
C THR A 25 -8.42 -4.05 0.71
N HIS A 26 -9.02 -3.47 1.75
CA HIS A 26 -8.43 -2.32 2.42
C HIS A 26 -7.06 -2.65 2.99
N TYR A 27 -6.88 -3.90 3.41
CA TYR A 27 -5.58 -4.38 3.82
C TYR A 27 -5.22 -5.67 3.08
N PRO A 28 -3.94 -5.82 2.74
CA PRO A 28 -3.48 -6.95 1.94
C PRO A 28 -3.35 -8.20 2.79
N ASP A 29 -3.59 -9.35 2.18
CA ASP A 29 -3.36 -10.64 2.84
C ASP A 29 -1.96 -11.15 2.56
N ILE A 30 -1.66 -12.34 3.09
CA ILE A 30 -0.32 -12.89 3.02
C ILE A 30 0.20 -12.94 1.58
N TYR A 31 -0.65 -13.43 0.68
CA TYR A 31 -0.27 -13.55 -0.72
C TYR A 31 0.02 -12.19 -1.33
N THR A 32 -0.90 -11.25 -1.15
CA THR A 32 -0.81 -9.94 -1.80
C THR A 32 0.31 -9.10 -1.19
N ARG A 33 0.61 -9.37 0.09
CA ARG A 33 1.74 -8.73 0.75
C ARG A 33 3.06 -9.12 0.11
N GLU A 34 3.23 -10.41 -0.14
CA GLU A 34 4.39 -10.91 -0.87
C GLU A 34 4.43 -10.35 -2.29
N GLU A 35 3.31 -10.43 -2.98
CA GLU A 35 3.21 -9.90 -4.34
C GLU A 35 3.65 -8.45 -4.40
N LEU A 36 3.08 -7.62 -3.54
CA LEU A 36 3.40 -6.20 -3.50
C LEU A 36 4.87 -5.98 -3.14
N ALA A 37 5.35 -6.74 -2.17
CA ALA A 37 6.73 -6.62 -1.72
C ALA A 37 7.71 -6.87 -2.86
N LEU A 38 7.39 -7.85 -3.70
CA LEU A 38 8.25 -8.23 -4.81
C LEU A 38 8.15 -7.22 -5.95
N LYS A 39 6.93 -6.76 -6.22
CA LYS A 39 6.69 -5.83 -7.31
C LYS A 39 7.16 -4.42 -6.94
N ILE A 40 7.09 -4.10 -5.66
CA ILE A 40 7.48 -2.78 -5.17
C ILE A 40 8.95 -2.75 -4.78
N ASP A 41 9.45 -3.88 -4.29
CA ASP A 41 10.77 -3.94 -3.68
C ASP A 41 10.81 -3.24 -2.33
N LEU A 42 9.90 -3.64 -1.45
CA LEU A 42 9.73 -2.97 -0.17
C LEU A 42 9.24 -3.94 0.90
N THR A 43 9.74 -3.77 2.12
CA THR A 43 9.34 -4.61 3.25
C THR A 43 7.83 -4.60 3.42
N GLU A 44 7.26 -5.78 3.63
CA GLU A 44 5.81 -5.93 3.68
C GLU A 44 5.19 -5.03 4.73
N ALA A 45 5.88 -4.88 5.86
CA ALA A 45 5.42 -3.99 6.92
C ALA A 45 5.26 -2.56 6.41
N ARG A 46 6.24 -2.10 5.65
CA ARG A 46 6.21 -0.74 5.11
C ARG A 46 5.12 -0.59 4.07
N VAL A 47 4.86 -1.66 3.32
CA VAL A 47 3.74 -1.70 2.39
C VAL A 47 2.42 -1.53 3.12
N GLN A 48 2.27 -2.22 4.24
CA GLN A 48 1.04 -2.16 5.03
C GLN A 48 0.80 -0.75 5.57
N VAL A 49 1.88 -0.07 5.90
CA VAL A 49 1.80 1.31 6.37
C VAL A 49 1.07 2.19 5.36
N TRP A 50 1.38 2.00 4.08
CA TRP A 50 0.69 2.71 3.01
C TRP A 50 -0.81 2.48 3.06
N PHE A 51 -1.19 1.23 3.30
CA PHE A 51 -2.61 0.87 3.34
C PHE A 51 -3.30 1.47 4.56
N GLN A 52 -2.55 1.60 5.65
CA GLN A 52 -3.05 2.24 6.86
C GLN A 52 -3.31 3.73 6.62
N ASN A 53 -2.39 4.37 5.92
CA ASN A 53 -2.56 5.78 5.56
C ASN A 53 -3.64 5.95 4.50
N ARG A 54 -3.69 5.01 3.56
CA ARG A 54 -4.70 5.03 2.51
C ARG A 54 -6.10 4.87 3.08
N ARG A 55 -6.23 3.96 4.05
CA ARG A 55 -7.51 3.69 4.69
C ARG A 55 -7.90 4.83 5.62
N ALA A 56 -6.91 5.47 6.21
CA ALA A 56 -7.12 6.67 7.01
C ALA A 56 -7.69 7.81 6.15
N LYS A 57 -7.17 7.93 4.93
CA LYS A 57 -7.66 8.93 3.99
C LYS A 57 -8.97 8.49 3.35
N PHE A 58 -9.17 7.19 3.27
CA PHE A 58 -10.38 6.63 2.67
C PHE A 58 -11.63 7.15 3.37
N ARG A 59 -12.47 7.85 2.61
CA ARG A 59 -13.71 8.40 3.15
C ARG A 59 -14.85 7.39 3.07
N LYS A 60 -15.86 7.57 3.91
CA LYS A 60 -16.98 6.64 3.96
C LYS A 60 -17.76 6.65 2.66
N GLN A 61 -17.75 7.79 1.98
CA GLN A 61 -18.48 7.95 0.72
C GLN A 61 -17.56 7.70 -0.48
N GLU A 62 -16.32 7.35 -0.20
CA GLU A 62 -15.34 7.10 -1.26
C GLU A 62 -15.52 5.71 -1.85
N ARG A 63 -15.48 5.62 -3.17
CA ARG A 63 -15.65 4.35 -3.87
C ARG A 63 -14.63 4.19 -4.99
N ALA A 1 2.31 11.43 15.53
CA ALA A 1 2.05 10.00 15.59
C ALA A 1 3.31 9.21 15.92
N SER A 2 3.14 7.98 16.38
CA SER A 2 4.26 7.11 16.68
C SER A 2 4.81 6.45 15.42
N GLN A 3 3.99 6.41 14.38
CA GLN A 3 4.40 5.84 13.10
C GLN A 3 5.28 6.81 12.32
N ARG A 4 6.48 6.37 11.97
CA ARG A 4 7.41 7.19 11.21
C ARG A 4 7.00 7.24 9.74
N ARG A 5 7.25 8.38 9.09
CA ARG A 5 6.93 8.56 7.69
C ARG A 5 7.77 7.65 6.81
N ILE A 6 7.10 6.93 5.91
CA ILE A 6 7.79 6.00 5.01
C ILE A 6 8.10 6.67 3.67
N ARG A 7 9.37 6.66 3.30
CA ARG A 7 9.82 7.24 2.04
C ARG A 7 9.40 6.37 0.86
N THR A 8 8.91 7.01 -0.20
CA THR A 8 8.52 6.30 -1.40
C THR A 8 9.74 5.70 -2.11
N THR A 9 9.70 4.39 -2.33
CA THR A 9 10.79 3.69 -3.00
C THR A 9 10.30 2.95 -4.23
N PHE A 10 9.23 3.44 -4.83
CA PHE A 10 8.58 2.75 -5.94
C PHE A 10 7.93 3.75 -6.89
N THR A 11 7.63 3.29 -8.10
CA THR A 11 7.19 4.18 -9.17
C THR A 11 5.69 4.42 -9.10
N SER A 12 5.19 5.35 -9.90
CA SER A 12 3.77 5.68 -9.93
C SER A 12 2.96 4.51 -10.49
N ALA A 13 3.59 3.72 -11.35
CA ALA A 13 2.98 2.48 -11.84
C ALA A 13 2.82 1.47 -10.73
N GLN A 14 3.85 1.34 -9.89
CA GLN A 14 3.80 0.46 -8.73
C GLN A 14 2.83 1.01 -7.68
N LEU A 15 2.72 2.32 -7.61
CA LEU A 15 1.70 2.96 -6.78
C LEU A 15 0.30 2.55 -7.24
N LYS A 16 0.07 2.59 -8.55
CA LYS A 16 -1.21 2.19 -9.11
C LYS A 16 -1.53 0.73 -8.80
N GLU A 17 -0.49 -0.10 -8.74
CA GLU A 17 -0.64 -1.50 -8.37
C GLU A 17 -1.10 -1.64 -6.93
N LEU A 18 -0.52 -0.86 -6.04
CA LEU A 18 -0.96 -0.79 -4.65
C LEU A 18 -2.39 -0.29 -4.55
N GLU A 19 -2.73 0.69 -5.40
CA GLU A 19 -4.08 1.25 -5.42
C GLU A 19 -5.09 0.22 -5.92
N ARG A 20 -4.70 -0.55 -6.93
CA ARG A 20 -5.54 -1.61 -7.45
C ARG A 20 -5.91 -2.62 -6.37
N VAL A 21 -4.90 -3.05 -5.61
CA VAL A 21 -5.13 -3.97 -4.50
C VAL A 21 -6.01 -3.34 -3.42
N PHE A 22 -5.77 -2.07 -3.15
CA PHE A 22 -6.58 -1.32 -2.17
C PHE A 22 -8.05 -1.36 -2.54
N ALA A 23 -8.34 -1.19 -3.82
CA ALA A 23 -9.71 -1.27 -4.32
C ALA A 23 -10.34 -2.62 -3.99
N GLU A 24 -9.54 -3.67 -4.09
CA GLU A 24 -10.00 -5.02 -3.76
C GLU A 24 -10.16 -5.19 -2.25
N THR A 25 -9.16 -4.71 -1.50
CA THR A 25 -9.19 -4.79 -0.05
C THR A 25 -8.35 -3.70 0.59
N HIS A 26 -8.82 -3.15 1.70
CA HIS A 26 -8.10 -2.12 2.42
C HIS A 26 -6.92 -2.68 3.18
N TYR A 27 -6.86 -4.01 3.28
CA TYR A 27 -5.73 -4.69 3.89
C TYR A 27 -5.44 -6.01 3.18
N PRO A 28 -4.22 -6.16 2.69
CA PRO A 28 -3.83 -7.36 1.97
C PRO A 28 -3.55 -8.52 2.92
N ASP A 29 -3.68 -9.74 2.42
CA ASP A 29 -3.35 -10.93 3.21
C ASP A 29 -1.88 -11.28 3.07
N ILE A 30 -1.49 -12.42 3.64
CA ILE A 30 -0.09 -12.81 3.69
C ILE A 30 0.51 -12.93 2.30
N TYR A 31 -0.18 -13.67 1.43
CA TYR A 31 0.28 -13.88 0.07
C TYR A 31 0.38 -12.56 -0.69
N THR A 32 -0.68 -11.76 -0.62
CA THR A 32 -0.75 -10.51 -1.35
C THR A 32 0.35 -9.56 -0.91
N ARG A 33 0.57 -9.47 0.41
CA ARG A 33 1.60 -8.61 0.96
C ARG A 33 2.98 -8.99 0.45
N GLU A 34 3.28 -10.28 0.48
CA GLU A 34 4.55 -10.79 -0.03
C GLU A 34 4.70 -10.49 -1.52
N GLU A 35 3.64 -10.77 -2.28
CA GLU A 35 3.64 -10.49 -3.71
C GLU A 35 3.94 -9.02 -3.98
N LEU A 36 3.26 -8.14 -3.27
CA LEU A 36 3.46 -6.71 -3.43
C LEU A 36 4.87 -6.29 -3.01
N ALA A 37 5.35 -6.90 -1.93
CA ALA A 37 6.69 -6.61 -1.41
C ALA A 37 7.74 -6.82 -2.49
N LEU A 38 7.55 -7.85 -3.30
CA LEU A 38 8.50 -8.18 -4.36
C LEU A 38 8.29 -7.32 -5.59
N LYS A 39 7.02 -7.14 -5.97
CA LYS A 39 6.68 -6.44 -7.19
C LYS A 39 6.79 -4.93 -7.03
N ILE A 40 6.55 -4.46 -5.81
CA ILE A 40 6.63 -3.04 -5.50
C ILE A 40 8.03 -2.65 -5.06
N ASP A 41 8.78 -3.62 -4.54
CA ASP A 41 10.10 -3.36 -3.98
C ASP A 41 9.99 -2.59 -2.66
N LEU A 42 9.21 -3.11 -1.73
CA LEU A 42 8.94 -2.42 -0.48
C LEU A 42 8.77 -3.42 0.67
N THR A 43 9.38 -3.11 1.80
CA THR A 43 9.32 -3.98 2.97
C THR A 43 7.87 -4.27 3.35
N GLU A 44 7.59 -5.54 3.64
CA GLU A 44 6.23 -5.98 3.89
C GLU A 44 5.56 -5.13 4.97
N ALA A 45 6.32 -4.81 6.01
CA ALA A 45 5.84 -3.92 7.07
C ALA A 45 5.45 -2.55 6.50
N ARG A 46 6.29 -2.03 5.62
CA ARG A 46 6.05 -0.71 5.04
C ARG A 46 4.88 -0.75 4.07
N VAL A 47 4.69 -1.89 3.42
CA VAL A 47 3.51 -2.11 2.59
C VAL A 47 2.23 -1.97 3.39
N GLN A 48 2.19 -2.62 4.55
CA GLN A 48 1.03 -2.55 5.43
C GLN A 48 0.77 -1.11 5.87
N VAL A 49 1.83 -0.37 6.17
CA VAL A 49 1.72 1.03 6.54
C VAL A 49 1.02 1.83 5.46
N TRP A 50 1.41 1.59 4.21
CA TRP A 50 0.81 2.28 3.07
C TRP A 50 -0.70 2.06 3.03
N PHE A 51 -1.12 0.81 3.25
CA PHE A 51 -2.53 0.45 3.17
C PHE A 51 -3.31 1.04 4.34
N GLN A 52 -2.66 1.14 5.49
CA GLN A 52 -3.28 1.72 6.68
C GLN A 52 -3.44 3.23 6.54
N ASN A 53 -2.43 3.88 5.98
CA ASN A 53 -2.49 5.31 5.71
C ASN A 53 -3.47 5.61 4.58
N ARG A 54 -3.45 4.78 3.55
CA ARG A 54 -4.40 4.91 2.44
C ARG A 54 -5.82 4.70 2.91
N ARG A 55 -6.03 3.70 3.76
CA ARG A 55 -7.34 3.47 4.36
C ARG A 55 -7.79 4.66 5.20
N ALA A 56 -6.88 5.19 6.00
CA ALA A 56 -7.18 6.33 6.86
C ALA A 56 -7.63 7.53 6.03
N LYS A 57 -6.96 7.74 4.90
CA LYS A 57 -7.33 8.82 3.98
C LYS A 57 -8.67 8.54 3.32
N PHE A 58 -8.85 7.31 2.85
CA PHE A 58 -10.09 6.91 2.20
C PHE A 58 -11.27 7.06 3.15
N ARG A 59 -11.07 6.69 4.41
CA ARG A 59 -12.14 6.73 5.41
C ARG A 59 -12.00 7.94 6.32
N LYS A 60 -11.29 8.97 5.84
CA LYS A 60 -11.05 10.17 6.62
C LYS A 60 -12.35 10.83 7.04
N GLN A 61 -13.35 10.78 6.17
CA GLN A 61 -14.63 11.43 6.41
C GLN A 61 -15.48 10.62 7.38
N GLU A 62 -15.04 9.41 7.67
CA GLU A 62 -15.78 8.51 8.57
C GLU A 62 -15.33 8.67 10.01
N ARG A 63 -16.25 8.45 10.95
CA ARG A 63 -15.94 8.56 12.36
C ARG A 63 -15.89 7.19 13.03
N ALA A 1 -0.01 -8.07 13.71
CA ALA A 1 1.07 -7.24 14.23
C ALA A 1 1.25 -5.98 13.39
N SER A 2 1.44 -4.85 14.04
CA SER A 2 1.66 -3.59 13.35
C SER A 2 3.10 -3.48 12.86
N GLN A 3 3.31 -2.62 11.86
CA GLN A 3 4.64 -2.41 11.30
C GLN A 3 5.13 -0.99 11.59
N ARG A 4 6.43 -0.79 11.45
CA ARG A 4 7.03 0.54 11.62
C ARG A 4 6.57 1.50 10.53
N ARG A 5 6.08 2.66 10.94
CA ARG A 5 5.61 3.66 10.00
C ARG A 5 6.75 4.23 9.17
N ILE A 6 6.60 4.18 7.85
CA ILE A 6 7.64 4.64 6.94
C ILE A 6 7.11 5.68 5.97
N ARG A 7 7.87 6.75 5.77
CA ARG A 7 7.45 7.85 4.90
C ARG A 7 7.17 7.35 3.50
N THR A 8 6.08 7.83 2.91
CA THR A 8 5.71 7.47 1.55
C THR A 8 6.82 7.82 0.56
N THR A 9 7.42 6.80 -0.03
CA THR A 9 8.43 7.01 -1.06
C THR A 9 8.08 6.22 -2.33
N PHE A 10 6.80 5.97 -2.52
CA PHE A 10 6.35 5.08 -3.59
C PHE A 10 6.26 5.81 -4.93
N THR A 11 6.62 5.11 -6.00
CA THR A 11 6.51 5.67 -7.34
C THR A 11 5.10 5.48 -7.90
N SER A 12 4.82 6.16 -9.01
CA SER A 12 3.51 6.09 -9.62
C SER A 12 3.19 4.69 -10.11
N ALA A 13 4.22 3.96 -10.51
CA ALA A 13 4.07 2.57 -10.92
C ALA A 13 3.73 1.68 -9.72
N GLN A 14 4.45 1.91 -8.62
CA GLN A 14 4.20 1.16 -7.39
C GLN A 14 2.81 1.49 -6.83
N LEU A 15 2.44 2.76 -6.87
CA LEU A 15 1.15 3.20 -6.36
C LEU A 15 0.01 2.61 -7.18
N LYS A 16 0.20 2.53 -8.50
CA LYS A 16 -0.80 1.98 -9.39
C LYS A 16 -1.22 0.57 -8.96
N GLU A 17 -0.22 -0.30 -8.78
CA GLU A 17 -0.48 -1.69 -8.44
C GLU A 17 -1.05 -1.82 -7.04
N LEU A 18 -0.49 -1.07 -6.10
CA LEU A 18 -0.92 -1.12 -4.71
C LEU A 18 -2.33 -0.58 -4.55
N GLU A 19 -2.66 0.46 -5.30
CA GLU A 19 -3.98 1.08 -5.22
C GLU A 19 -5.04 0.17 -5.83
N ARG A 20 -4.67 -0.52 -6.91
CA ARG A 20 -5.55 -1.52 -7.51
C ARG A 20 -5.99 -2.55 -6.49
N VAL A 21 -5.04 -3.07 -5.72
CA VAL A 21 -5.33 -4.02 -4.66
C VAL A 21 -6.18 -3.37 -3.56
N PHE A 22 -5.83 -2.14 -3.22
CA PHE A 22 -6.57 -1.39 -2.21
C PHE A 22 -8.05 -1.30 -2.56
N ALA A 23 -8.33 -1.02 -3.83
CA ALA A 23 -9.71 -0.98 -4.32
C ALA A 23 -10.42 -2.30 -4.09
N GLU A 24 -9.70 -3.39 -4.29
CA GLU A 24 -10.25 -4.72 -4.08
C GLU A 24 -10.42 -5.01 -2.60
N THR A 25 -9.42 -4.62 -1.80
CA THR A 25 -9.47 -4.83 -0.36
C THR A 25 -8.60 -3.80 0.37
N HIS A 26 -9.19 -3.14 1.36
CA HIS A 26 -8.50 -2.08 2.08
C HIS A 26 -7.30 -2.62 2.85
N TYR A 27 -7.42 -3.87 3.32
CA TYR A 27 -6.32 -4.51 4.03
C TYR A 27 -5.99 -5.87 3.41
N PRO A 28 -4.85 -5.95 2.75
CA PRO A 28 -4.39 -7.19 2.14
C PRO A 28 -3.89 -8.16 3.19
N ASP A 29 -3.89 -9.45 2.84
CA ASP A 29 -3.41 -10.49 3.75
C ASP A 29 -1.92 -10.73 3.60
N ILE A 30 -1.40 -11.72 4.32
CA ILE A 30 0.03 -11.97 4.35
C ILE A 30 0.58 -12.28 2.97
N TYR A 31 -0.06 -13.20 2.27
CA TYR A 31 0.36 -13.59 0.94
C TYR A 31 0.35 -12.41 -0.01
N THR A 32 -0.73 -11.63 0.02
CA THR A 32 -0.89 -10.50 -0.88
C THR A 32 0.23 -9.47 -0.69
N ARG A 33 0.52 -9.17 0.57
CA ARG A 33 1.56 -8.19 0.90
C ARG A 33 2.93 -8.69 0.44
N GLU A 34 3.18 -9.98 0.63
CA GLU A 34 4.43 -10.58 0.17
C GLU A 34 4.57 -10.48 -1.34
N GLU A 35 3.52 -10.86 -2.07
CA GLU A 35 3.52 -10.76 -3.52
C GLU A 35 3.76 -9.33 -3.97
N LEU A 36 3.01 -8.39 -3.39
CA LEU A 36 3.15 -6.99 -3.75
C LEU A 36 4.54 -6.47 -3.44
N ALA A 37 5.07 -6.85 -2.28
CA ALA A 37 6.41 -6.45 -1.87
C ALA A 37 7.45 -6.84 -2.91
N LEU A 38 7.31 -8.04 -3.46
CA LEU A 38 8.22 -8.51 -4.51
C LEU A 38 8.04 -7.72 -5.79
N LYS A 39 6.80 -7.34 -6.09
CA LYS A 39 6.49 -6.58 -7.29
C LYS A 39 7.08 -5.18 -7.23
N ILE A 40 7.01 -4.57 -6.06
CA ILE A 40 7.45 -3.19 -5.88
C ILE A 40 8.85 -3.13 -5.30
N ASP A 41 9.37 -4.29 -4.91
CA ASP A 41 10.74 -4.38 -4.41
C ASP A 41 10.94 -3.56 -3.15
N LEU A 42 9.94 -3.59 -2.27
CA LEU A 42 10.03 -2.91 -0.99
C LEU A 42 9.68 -3.86 0.16
N THR A 43 9.85 -3.39 1.39
CA THR A 43 9.61 -4.20 2.57
C THR A 43 8.13 -4.34 2.87
N GLU A 44 7.76 -5.39 3.59
CA GLU A 44 6.38 -5.60 4.01
C GLU A 44 5.90 -4.46 4.90
N ALA A 45 6.81 -3.93 5.72
CA ALA A 45 6.50 -2.79 6.58
C ALA A 45 6.02 -1.61 5.77
N ARG A 46 6.71 -1.30 4.68
CA ARG A 46 6.30 -0.25 3.77
C ARG A 46 4.93 -0.55 3.17
N VAL A 47 4.72 -1.80 2.77
CA VAL A 47 3.46 -2.21 2.17
C VAL A 47 2.30 -2.02 3.14
N GLN A 48 2.37 -2.71 4.28
CA GLN A 48 1.27 -2.74 5.22
C GLN A 48 0.88 -1.34 5.67
N VAL A 49 1.86 -0.55 6.05
CA VAL A 49 1.62 0.80 6.53
C VAL A 49 0.93 1.65 5.47
N TRP A 50 1.38 1.51 4.23
CA TRP A 50 0.79 2.25 3.12
C TRP A 50 -0.70 1.97 2.99
N PHE A 51 -1.07 0.69 3.08
CA PHE A 51 -2.46 0.29 2.96
C PHE A 51 -3.28 0.78 4.14
N GLN A 52 -2.67 0.78 5.32
CA GLN A 52 -3.32 1.28 6.53
C GLN A 52 -3.58 2.78 6.43
N ASN A 53 -2.60 3.51 5.88
CA ASN A 53 -2.74 4.95 5.69
C ASN A 53 -3.83 5.27 4.68
N ARG A 54 -3.87 4.51 3.59
CA ARG A 54 -4.89 4.67 2.56
C ARG A 54 -6.28 4.36 3.09
N ARG A 55 -6.37 3.35 3.94
CA ARG A 55 -7.63 2.99 4.58
C ARG A 55 -8.18 4.15 5.39
N ALA A 56 -7.31 4.78 6.19
CA ALA A 56 -7.70 5.95 6.97
C ALA A 56 -8.07 7.12 6.04
N LYS A 57 -7.25 7.36 5.04
CA LYS A 57 -7.47 8.45 4.11
C LYS A 57 -8.75 8.23 3.30
N PHE A 58 -9.04 6.97 3.01
CA PHE A 58 -10.27 6.62 2.31
C PHE A 58 -11.50 7.13 3.05
N ARG A 59 -11.55 6.85 4.35
CA ARG A 59 -12.67 7.27 5.19
C ARG A 59 -12.70 8.79 5.33
N LYS A 60 -11.52 9.41 5.35
CA LYS A 60 -11.41 10.86 5.38
C LYS A 60 -11.93 11.48 4.08
N GLN A 61 -11.66 10.80 2.97
CA GLN A 61 -12.14 11.25 1.67
C GLN A 61 -13.62 10.93 1.49
N GLU A 62 -14.05 9.81 2.07
CA GLU A 62 -15.45 9.42 2.02
C GLU A 62 -16.34 10.42 2.74
N ARG A 63 -15.95 10.77 3.96
CA ARG A 63 -16.73 11.69 4.77
C ARG A 63 -16.55 13.13 4.31
N ALA A 1 14.43 -1.66 -6.92
CA ALA A 1 15.33 -0.69 -6.30
C ALA A 1 15.98 0.20 -7.36
N SER A 2 16.77 1.16 -6.91
CA SER A 2 17.47 2.07 -7.81
C SER A 2 18.73 2.64 -7.16
N GLN A 3 19.76 2.87 -7.97
CA GLN A 3 21.01 3.43 -7.48
C GLN A 3 21.09 4.92 -7.78
N ARG A 4 20.02 5.46 -8.35
CA ARG A 4 19.97 6.88 -8.69
C ARG A 4 19.79 7.75 -7.46
N ARG A 5 20.50 8.87 -7.42
CA ARG A 5 20.44 9.78 -6.27
C ARG A 5 19.03 10.28 -6.05
N ILE A 6 18.32 10.56 -7.14
CA ILE A 6 16.91 10.95 -7.07
C ILE A 6 16.00 9.74 -7.25
N ARG A 7 15.33 9.35 -6.17
CA ARG A 7 14.46 8.18 -6.19
C ARG A 7 13.49 8.19 -5.01
N THR A 8 12.51 7.30 -5.05
CA THR A 8 11.54 7.18 -3.96
C THR A 8 11.00 5.76 -3.87
N THR A 9 10.40 5.44 -2.72
CA THR A 9 9.86 4.11 -2.48
C THR A 9 8.42 4.01 -2.96
N PHE A 10 7.83 5.15 -3.28
CA PHE A 10 6.46 5.19 -3.79
C PHE A 10 6.37 5.94 -5.10
N THR A 11 6.78 5.27 -6.18
CA THR A 11 6.61 5.81 -7.52
C THR A 11 5.20 5.57 -8.04
N SER A 12 4.86 6.22 -9.15
CA SER A 12 3.52 6.13 -9.72
C SER A 12 3.20 4.70 -10.13
N ALA A 13 4.22 3.97 -10.54
CA ALA A 13 4.06 2.56 -10.90
C ALA A 13 3.81 1.70 -9.66
N GLN A 14 4.57 1.97 -8.60
CA GLN A 14 4.38 1.26 -7.34
C GLN A 14 3.05 1.60 -6.70
N LEU A 15 2.68 2.88 -6.76
CA LEU A 15 1.41 3.34 -6.21
C LEU A 15 0.22 2.72 -6.96
N LYS A 16 0.39 2.56 -8.27
CA LYS A 16 -0.62 1.89 -9.08
C LYS A 16 -0.94 0.51 -8.53
N GLU A 17 0.10 -0.30 -8.35
CA GLU A 17 -0.07 -1.67 -7.87
C GLU A 17 -0.62 -1.69 -6.45
N LEU A 18 -0.17 -0.75 -5.63
CA LEU A 18 -0.69 -0.58 -4.29
C LEU A 18 -2.19 -0.29 -4.31
N GLU A 19 -2.61 0.56 -5.24
CA GLU A 19 -4.01 0.94 -5.35
C GLU A 19 -4.85 -0.22 -5.90
N ARG A 20 -4.27 -0.96 -6.83
CA ARG A 20 -4.95 -2.12 -7.41
C ARG A 20 -5.29 -3.15 -6.34
N VAL A 21 -4.35 -3.42 -5.46
CA VAL A 21 -4.58 -4.33 -4.34
C VAL A 21 -5.58 -3.75 -3.35
N PHE A 22 -5.47 -2.45 -3.11
CA PHE A 22 -6.42 -1.75 -2.24
C PHE A 22 -7.85 -1.89 -2.74
N ALA A 23 -8.02 -1.80 -4.06
CA ALA A 23 -9.32 -2.00 -4.68
C ALA A 23 -9.87 -3.38 -4.39
N GLU A 24 -8.99 -4.37 -4.37
CA GLU A 24 -9.38 -5.74 -4.04
C GLU A 24 -9.69 -5.87 -2.55
N THR A 25 -8.83 -5.30 -1.72
CA THR A 25 -9.01 -5.37 -0.27
C THR A 25 -8.34 -4.18 0.42
N HIS A 26 -8.99 -3.67 1.46
CA HIS A 26 -8.43 -2.57 2.23
C HIS A 26 -7.17 -2.98 2.96
N TYR A 27 -7.00 -4.30 3.14
CA TYR A 27 -5.79 -4.83 3.74
C TYR A 27 -5.44 -6.19 3.16
N PRO A 28 -4.21 -6.32 2.66
CA PRO A 28 -3.77 -7.56 2.02
C PRO A 28 -3.40 -8.61 3.06
N ASP A 29 -3.58 -9.87 2.70
CA ASP A 29 -3.16 -10.97 3.55
C ASP A 29 -1.71 -11.35 3.29
N ILE A 30 -1.27 -12.46 3.89
CA ILE A 30 0.13 -12.86 3.81
C ILE A 30 0.56 -13.06 2.37
N TYR A 31 -0.20 -13.85 1.62
CA TYR A 31 0.11 -14.14 0.23
C TYR A 31 0.05 -12.88 -0.61
N THR A 32 -1.04 -12.13 -0.49
CA THR A 32 -1.26 -10.94 -1.32
C THR A 32 -0.18 -9.90 -1.07
N ARG A 33 0.10 -9.64 0.21
CA ARG A 33 1.10 -8.64 0.57
C ARG A 33 2.49 -9.07 0.12
N GLU A 34 2.80 -10.35 0.28
CA GLU A 34 4.09 -10.89 -0.13
C GLU A 34 4.32 -10.68 -1.64
N GLU A 35 3.35 -11.10 -2.44
CA GLU A 35 3.44 -10.96 -3.88
C GLU A 35 3.44 -9.50 -4.30
N LEU A 36 2.63 -8.69 -3.61
CA LEU A 36 2.62 -7.26 -3.83
C LEU A 36 3.99 -6.64 -3.57
N ALA A 37 4.58 -6.99 -2.42
CA ALA A 37 5.89 -6.48 -2.05
C ALA A 37 6.95 -6.84 -3.10
N LEU A 38 6.80 -8.02 -3.68
CA LEU A 38 7.70 -8.47 -4.73
C LEU A 38 7.50 -7.65 -6.01
N LYS A 39 6.26 -7.30 -6.30
CA LYS A 39 5.93 -6.53 -7.49
C LYS A 39 6.51 -5.13 -7.42
N ILE A 40 6.39 -4.50 -6.26
CA ILE A 40 6.79 -3.11 -6.10
C ILE A 40 8.14 -3.00 -5.38
N ASP A 41 8.68 -4.15 -5.00
CA ASP A 41 9.98 -4.19 -4.33
C ASP A 41 10.00 -3.27 -3.11
N LEU A 42 9.11 -3.54 -2.16
CA LEU A 42 9.00 -2.71 -0.96
C LEU A 42 8.75 -3.56 0.28
N THR A 43 9.47 -3.24 1.36
CA THR A 43 9.31 -3.97 2.61
C THR A 43 7.86 -4.03 3.04
N GLU A 44 7.41 -5.23 3.40
CA GLU A 44 6.00 -5.47 3.69
C GLU A 44 5.50 -4.55 4.79
N ALA A 45 6.36 -4.27 5.76
CA ALA A 45 6.06 -3.31 6.81
C ALA A 45 5.69 -1.94 6.23
N ARG A 46 6.49 -1.47 5.29
CA ARG A 46 6.26 -0.19 4.65
C ARG A 46 5.00 -0.23 3.78
N VAL A 47 4.74 -1.38 3.18
CA VAL A 47 3.51 -1.59 2.42
C VAL A 47 2.28 -1.40 3.31
N GLN A 48 2.30 -2.01 4.49
CA GLN A 48 1.18 -1.92 5.42
C GLN A 48 0.96 -0.49 5.88
N VAL A 49 2.06 0.23 6.10
CA VAL A 49 1.98 1.65 6.47
C VAL A 49 1.19 2.45 5.45
N TRP A 50 1.46 2.18 4.17
CA TRP A 50 0.73 2.83 3.08
C TRP A 50 -0.76 2.55 3.18
N PHE A 51 -1.11 1.28 3.45
CA PHE A 51 -2.49 0.87 3.55
C PHE A 51 -3.18 1.52 4.75
N GLN A 52 -2.42 1.68 5.83
CA GLN A 52 -2.92 2.36 7.02
C GLN A 52 -3.26 3.81 6.71
N ASN A 53 -2.37 4.50 6.00
CA ASN A 53 -2.61 5.88 5.61
C ASN A 53 -3.70 5.98 4.53
N ARG A 54 -3.74 4.98 3.67
CA ARG A 54 -4.74 4.93 2.61
C ARG A 54 -6.14 4.77 3.18
N ARG A 55 -6.28 3.89 4.17
CA ARG A 55 -7.55 3.70 4.85
C ARG A 55 -7.92 4.90 5.71
N ALA A 56 -6.91 5.58 6.23
CA ALA A 56 -7.12 6.81 6.98
C ALA A 56 -7.72 7.90 6.10
N LYS A 57 -7.34 7.91 4.83
CA LYS A 57 -7.88 8.86 3.88
C LYS A 57 -9.15 8.33 3.21
N PHE A 58 -9.33 7.02 3.28
CA PHE A 58 -10.49 6.37 2.66
C PHE A 58 -11.78 6.79 3.35
N ARG A 59 -12.78 7.13 2.55
CA ARG A 59 -14.04 7.67 3.06
C ARG A 59 -15.23 6.95 2.45
N LYS A 60 -15.05 5.68 2.10
CA LYS A 60 -16.13 4.87 1.56
C LYS A 60 -16.21 3.52 2.28
N GLN A 61 -17.21 2.73 1.91
CA GLN A 61 -17.42 1.42 2.53
C GLN A 61 -16.28 0.48 2.19
N GLU A 62 -15.66 -0.09 3.22
CA GLU A 62 -14.58 -1.05 3.04
C GLU A 62 -15.13 -2.46 2.85
N ARG A 63 -14.36 -3.29 2.16
CA ARG A 63 -14.76 -4.67 1.90
C ARG A 63 -14.69 -5.52 3.17
N ALA A 1 8.93 0.58 10.43
CA ALA A 1 8.48 1.37 9.30
C ALA A 1 7.28 2.23 9.66
N SER A 2 7.36 3.52 9.36
CA SER A 2 6.26 4.44 9.62
C SER A 2 6.40 5.72 8.79
N GLN A 3 5.39 6.00 7.98
CA GLN A 3 5.38 7.20 7.16
C GLN A 3 4.12 8.02 7.39
N ARG A 4 4.20 9.31 7.13
CA ARG A 4 3.06 10.21 7.30
C ARG A 4 2.15 10.17 6.07
N ARG A 5 0.92 10.65 6.23
CA ARG A 5 -0.04 10.69 5.13
C ARG A 5 0.37 11.70 4.08
N ILE A 6 1.29 12.60 4.44
CA ILE A 6 1.76 13.63 3.53
C ILE A 6 3.06 13.22 2.85
N ARG A 7 3.51 12.00 3.13
CA ARG A 7 4.75 11.49 2.57
C ARG A 7 4.49 10.33 1.61
N THR A 8 5.30 10.24 0.56
CA THR A 8 5.18 9.17 -0.41
C THR A 8 6.54 8.54 -0.71
N THR A 9 6.62 7.22 -0.58
CA THR A 9 7.87 6.50 -0.80
C THR A 9 7.74 5.53 -1.96
N PHE A 10 6.62 5.62 -2.69
CA PHE A 10 6.36 4.72 -3.80
C PHE A 10 6.30 5.46 -5.12
N THR A 11 6.61 4.77 -6.21
CA THR A 11 6.49 5.33 -7.55
C THR A 11 5.06 5.18 -8.07
N SER A 12 4.80 5.82 -9.22
CA SER A 12 3.47 5.78 -9.81
C SER A 12 3.06 4.37 -10.18
N ALA A 13 4.05 3.56 -10.56
CA ALA A 13 3.81 2.16 -10.88
C ALA A 13 3.55 1.35 -9.62
N GLN A 14 4.34 1.60 -8.58
CA GLN A 14 4.16 0.93 -7.30
C GLN A 14 2.84 1.31 -6.66
N LEU A 15 2.48 2.59 -6.76
CA LEU A 15 1.21 3.07 -6.24
C LEU A 15 0.04 2.48 -7.00
N LYS A 16 0.20 2.33 -8.31
CA LYS A 16 -0.83 1.73 -9.15
C LYS A 16 -1.21 0.34 -8.64
N GLU A 17 -0.21 -0.47 -8.34
CA GLU A 17 -0.43 -1.82 -7.84
C GLU A 17 -1.05 -1.80 -6.45
N LEU A 18 -0.58 -0.87 -5.62
CA LEU A 18 -1.10 -0.72 -4.27
C LEU A 18 -2.58 -0.34 -4.29
N GLU A 19 -2.93 0.57 -5.19
CA GLU A 19 -4.32 1.03 -5.31
C GLU A 19 -5.21 -0.06 -5.89
N ARG A 20 -4.68 -0.81 -6.85
CA ARG A 20 -5.40 -1.94 -7.42
C ARG A 20 -5.79 -2.94 -6.34
N VAL A 21 -4.82 -3.30 -5.50
CA VAL A 21 -5.09 -4.23 -4.40
C VAL A 21 -6.09 -3.64 -3.41
N PHE A 22 -5.93 -2.36 -3.11
CA PHE A 22 -6.85 -1.67 -2.21
C PHE A 22 -8.29 -1.75 -2.71
N ALA A 23 -8.46 -1.57 -4.02
CA ALA A 23 -9.77 -1.72 -4.64
C ALA A 23 -10.30 -3.13 -4.47
N GLU A 24 -9.42 -4.12 -4.58
CA GLU A 24 -9.79 -5.51 -4.38
C GLU A 24 -10.12 -5.79 -2.92
N THR A 25 -9.36 -5.17 -2.02
CA THR A 25 -9.58 -5.33 -0.59
C THR A 25 -8.81 -4.28 0.21
N HIS A 26 -9.45 -3.75 1.24
CA HIS A 26 -8.87 -2.67 2.03
C HIS A 26 -7.71 -3.18 2.88
N TYR A 27 -7.77 -4.45 3.24
CA TYR A 27 -6.67 -5.09 3.96
C TYR A 27 -6.19 -6.34 3.24
N PRO A 28 -4.97 -6.28 2.72
CA PRO A 28 -4.39 -7.42 2.01
C PRO A 28 -3.93 -8.49 2.99
N ASP A 29 -3.95 -9.74 2.54
CA ASP A 29 -3.49 -10.86 3.34
C ASP A 29 -2.00 -11.13 3.11
N ILE A 30 -1.50 -12.19 3.72
CA ILE A 30 -0.07 -12.49 3.69
C ILE A 30 0.42 -12.67 2.27
N TYR A 31 -0.30 -13.47 1.49
CA TYR A 31 0.06 -13.74 0.10
C TYR A 31 0.05 -12.45 -0.73
N THR A 32 -1.00 -11.66 -0.55
CA THR A 32 -1.17 -10.43 -1.31
C THR A 32 -0.04 -9.45 -1.02
N ARG A 33 0.30 -9.30 0.25
CA ARG A 33 1.37 -8.41 0.66
C ARG A 33 2.72 -8.90 0.16
N GLU A 34 2.89 -10.22 0.15
CA GLU A 34 4.10 -10.83 -0.42
C GLU A 34 4.26 -10.45 -1.89
N GLU A 35 3.19 -10.63 -2.65
CA GLU A 35 3.19 -10.23 -4.06
C GLU A 35 3.58 -8.76 -4.22
N LEU A 36 2.94 -7.90 -3.44
CA LEU A 36 3.22 -6.48 -3.48
C LEU A 36 4.68 -6.18 -3.13
N ALA A 37 5.15 -6.80 -2.04
CA ALA A 37 6.50 -6.55 -1.56
C ALA A 37 7.54 -6.92 -2.61
N LEU A 38 7.30 -8.04 -3.30
CA LEU A 38 8.24 -8.55 -4.29
C LEU A 38 8.23 -7.69 -5.55
N LYS A 39 7.03 -7.34 -6.01
CA LYS A 39 6.88 -6.55 -7.22
C LYS A 39 7.27 -5.10 -6.98
N ILE A 40 6.92 -4.58 -5.81
CA ILE A 40 7.34 -3.24 -5.40
C ILE A 40 8.82 -3.20 -5.06
N ASP A 41 9.33 -4.29 -4.50
CA ASP A 41 10.72 -4.37 -4.11
C ASP A 41 11.01 -3.51 -2.88
N LEU A 42 10.03 -3.46 -1.98
CA LEU A 42 10.21 -2.75 -0.71
C LEU A 42 9.73 -3.59 0.46
N THR A 43 10.16 -3.22 1.66
CA THR A 43 9.83 -3.99 2.86
C THR A 43 8.33 -4.12 3.04
N GLU A 44 7.88 -5.33 3.34
CA GLU A 44 6.45 -5.61 3.49
C GLU A 44 5.82 -4.63 4.47
N ALA A 45 6.52 -4.36 5.57
CA ALA A 45 6.04 -3.40 6.56
C ALA A 45 5.70 -2.06 5.92
N ARG A 46 6.57 -1.58 5.05
CA ARG A 46 6.38 -0.30 4.39
C ARG A 46 5.14 -0.33 3.49
N VAL A 47 4.90 -1.47 2.86
CA VAL A 47 3.68 -1.67 2.07
C VAL A 47 2.45 -1.53 2.94
N GLN A 48 2.48 -2.15 4.11
CA GLN A 48 1.35 -2.10 5.04
C GLN A 48 1.11 -0.67 5.51
N VAL A 49 2.18 0.08 5.74
CA VAL A 49 2.08 1.48 6.15
C VAL A 49 1.22 2.27 5.17
N TRP A 50 1.42 2.03 3.88
CA TRP A 50 0.63 2.70 2.85
C TRP A 50 -0.86 2.42 3.02
N PHE A 51 -1.19 1.15 3.29
CA PHE A 51 -2.58 0.75 3.46
C PHE A 51 -3.18 1.34 4.73
N GLN A 52 -2.34 1.51 5.75
CA GLN A 52 -2.76 2.17 6.98
C GLN A 52 -3.11 3.63 6.74
N ASN A 53 -2.27 4.32 5.98
CA ASN A 53 -2.50 5.71 5.64
C ASN A 53 -3.62 5.85 4.61
N ARG A 54 -3.73 4.86 3.73
CA ARG A 54 -4.76 4.86 2.70
C ARG A 54 -6.15 4.71 3.31
N ARG A 55 -6.27 3.84 4.31
CA ARG A 55 -7.52 3.64 5.01
C ARG A 55 -7.82 4.81 5.94
N ALA A 56 -6.78 5.46 6.43
CA ALA A 56 -6.92 6.69 7.18
C ALA A 56 -7.49 7.81 6.32
N LYS A 57 -7.07 7.85 5.06
CA LYS A 57 -7.61 8.81 4.11
C LYS A 57 -8.98 8.40 3.60
N PHE A 58 -9.20 7.08 3.52
CA PHE A 58 -10.47 6.55 3.08
C PHE A 58 -11.62 7.06 3.95
N ARG A 59 -12.54 7.79 3.33
CA ARG A 59 -13.54 8.55 4.07
C ARG A 59 -14.83 7.75 4.26
N LYS A 60 -14.84 6.53 3.73
CA LYS A 60 -16.02 5.68 3.80
C LYS A 60 -15.79 4.48 4.71
N GLN A 61 -16.80 3.63 4.82
CA GLN A 61 -16.73 2.48 5.72
C GLN A 61 -15.74 1.44 5.23
N GLU A 62 -14.78 1.10 6.08
CA GLU A 62 -13.80 0.06 5.76
C GLU A 62 -14.47 -1.30 5.66
N ARG A 63 -14.07 -2.08 4.65
CA ARG A 63 -14.61 -3.42 4.47
C ARG A 63 -14.20 -4.34 5.61
N ALA A 1 -3.49 9.11 11.42
CA ALA A 1 -2.94 8.45 10.25
C ALA A 1 -3.66 8.89 8.99
N SER A 2 -2.89 9.31 7.99
CA SER A 2 -3.45 9.71 6.71
C SER A 2 -2.38 9.71 5.62
N GLN A 3 -2.82 9.59 4.37
CA GLN A 3 -1.91 9.64 3.23
C GLN A 3 -2.68 9.72 1.91
N ARG A 4 -2.24 10.60 1.03
CA ARG A 4 -2.82 10.71 -0.30
C ARG A 4 -1.89 10.17 -1.37
N ARG A 5 -2.38 10.10 -2.60
CA ARG A 5 -1.56 9.63 -3.72
C ARG A 5 -0.37 10.56 -3.96
N ILE A 6 -0.58 11.84 -3.71
CA ILE A 6 0.47 12.84 -3.88
C ILE A 6 1.49 12.74 -2.76
N ARG A 7 1.15 12.00 -1.71
CA ARG A 7 2.03 11.84 -0.55
C ARG A 7 2.70 10.48 -0.55
N THR A 8 2.63 9.78 -1.68
CA THR A 8 3.29 8.49 -1.83
C THR A 8 4.72 8.65 -2.31
N THR A 9 5.49 7.57 -2.25
CA THR A 9 6.87 7.59 -2.70
C THR A 9 7.10 6.53 -3.78
N PHE A 10 6.03 6.14 -4.46
CA PHE A 10 6.11 5.09 -5.47
C PHE A 10 5.95 5.68 -6.87
N THR A 11 6.22 4.85 -7.88
CA THR A 11 6.00 5.25 -9.27
C THR A 11 4.55 5.09 -9.67
N SER A 12 4.20 5.61 -10.84
CA SER A 12 2.82 5.54 -11.34
C SER A 12 2.39 4.10 -11.56
N ALA A 13 3.35 3.25 -11.93
CA ALA A 13 3.08 1.83 -12.12
C ALA A 13 2.91 1.11 -10.79
N GLN A 14 3.81 1.40 -9.85
CA GLN A 14 3.74 0.80 -8.53
C GLN A 14 2.49 1.22 -7.77
N LEU A 15 2.18 2.52 -7.85
CA LEU A 15 0.97 3.04 -7.21
C LEU A 15 -0.28 2.44 -7.82
N LYS A 16 -0.31 2.36 -9.15
CA LYS A 16 -1.42 1.73 -9.86
C LYS A 16 -1.73 0.37 -9.27
N GLU A 17 -0.70 -0.47 -9.13
CA GLU A 17 -0.87 -1.81 -8.61
C GLU A 17 -1.39 -1.79 -7.17
N LEU A 18 -0.91 -0.84 -6.39
CA LEU A 18 -1.38 -0.66 -5.02
C LEU A 18 -2.86 -0.26 -4.99
N GLU A 19 -3.25 0.56 -5.96
CA GLU A 19 -4.64 1.01 -6.06
C GLU A 19 -5.55 -0.09 -6.57
N ARG A 20 -5.01 -0.95 -7.44
CA ARG A 20 -5.74 -2.12 -7.90
C ARG A 20 -6.07 -3.05 -6.75
N VAL A 21 -5.13 -3.22 -5.82
CA VAL A 21 -5.37 -3.97 -4.60
C VAL A 21 -6.46 -3.31 -3.76
N PHE A 22 -6.42 -1.99 -3.66
CA PHE A 22 -7.42 -1.24 -2.94
C PHE A 22 -8.82 -1.49 -3.50
N ALA A 23 -8.90 -1.61 -4.82
CA ALA A 23 -10.17 -1.91 -5.49
C ALA A 23 -10.75 -3.23 -4.98
N GLU A 24 -9.89 -4.21 -4.76
CA GLU A 24 -10.32 -5.51 -4.29
C GLU A 24 -10.58 -5.49 -2.78
N THR A 25 -9.67 -4.89 -2.05
CA THR A 25 -9.74 -4.89 -0.58
C THR A 25 -9.14 -3.62 0.00
N HIS A 26 -9.72 -3.12 1.08
CA HIS A 26 -9.21 -1.93 1.75
C HIS A 26 -7.89 -2.22 2.45
N TYR A 27 -7.58 -3.50 2.62
CA TYR A 27 -6.30 -3.91 3.20
C TYR A 27 -5.88 -5.29 2.67
N PRO A 28 -4.65 -5.37 2.20
CA PRO A 28 -4.14 -6.60 1.60
C PRO A 28 -3.85 -7.65 2.66
N ASP A 29 -4.00 -8.92 2.28
CA ASP A 29 -3.69 -10.03 3.18
C ASP A 29 -2.23 -10.45 3.07
N ILE A 30 -1.89 -11.54 3.74
CA ILE A 30 -0.50 -11.97 3.84
C ILE A 30 0.10 -12.20 2.45
N TYR A 31 -0.61 -12.97 1.63
CA TYR A 31 -0.16 -13.25 0.27
C TYR A 31 -0.02 -11.97 -0.55
N THR A 32 -1.04 -11.13 -0.50
CA THR A 32 -1.08 -9.93 -1.31
C THR A 32 0.07 -8.98 -0.96
N ARG A 33 0.31 -8.81 0.35
CA ARG A 33 1.37 -7.94 0.81
C ARG A 33 2.74 -8.45 0.38
N GLU A 34 2.91 -9.77 0.45
CA GLU A 34 4.14 -10.39 -0.05
C GLU A 34 4.34 -10.11 -1.54
N GLU A 35 3.30 -10.33 -2.32
CA GLU A 35 3.34 -10.03 -3.76
C GLU A 35 3.71 -8.57 -4.01
N LEU A 36 3.03 -7.68 -3.31
CA LEU A 36 3.30 -6.24 -3.45
C LEU A 36 4.74 -5.92 -3.06
N ALA A 37 5.19 -6.51 -1.97
CA ALA A 37 6.55 -6.27 -1.48
C ALA A 37 7.58 -6.64 -2.53
N LEU A 38 7.32 -7.72 -3.27
CA LEU A 38 8.20 -8.14 -4.35
C LEU A 38 8.15 -7.16 -5.52
N LYS A 39 6.96 -6.62 -5.77
CA LYS A 39 6.77 -5.68 -6.88
C LYS A 39 7.50 -4.38 -6.61
N ILE A 40 7.51 -3.95 -5.36
CA ILE A 40 8.12 -2.68 -4.98
C ILE A 40 9.51 -2.89 -4.39
N ASP A 41 9.84 -4.15 -4.11
CA ASP A 41 11.16 -4.51 -3.60
C ASP A 41 11.42 -3.83 -2.25
N LEU A 42 10.42 -3.86 -1.38
CA LEU A 42 10.56 -3.28 -0.05
C LEU A 42 10.01 -4.23 1.01
N THR A 43 10.49 -4.05 2.25
CA THR A 43 10.09 -4.92 3.35
C THR A 43 8.59 -4.82 3.61
N GLU A 44 7.96 -5.97 3.86
CA GLU A 44 6.51 -6.02 4.06
C GLU A 44 6.07 -4.98 5.08
N ALA A 45 6.87 -4.79 6.13
CA ALA A 45 6.56 -3.80 7.16
C ALA A 45 6.23 -2.45 6.55
N ARG A 46 6.99 -2.06 5.53
CA ARG A 46 6.76 -0.79 4.85
C ARG A 46 5.43 -0.80 4.11
N VAL A 47 5.08 -1.94 3.54
CA VAL A 47 3.78 -2.12 2.90
C VAL A 47 2.65 -1.95 3.91
N GLN A 48 2.81 -2.59 5.07
CA GLN A 48 1.78 -2.54 6.11
C GLN A 48 1.53 -1.10 6.56
N VAL A 49 2.60 -0.36 6.79
CA VAL A 49 2.50 1.03 7.24
C VAL A 49 1.83 1.90 6.19
N TRP A 50 2.23 1.72 4.94
CA TRP A 50 1.68 2.51 3.84
C TRP A 50 0.16 2.33 3.74
N PHE A 51 -0.29 1.09 3.80
CA PHE A 51 -1.72 0.79 3.72
C PHE A 51 -2.44 1.22 4.99
N GLN A 52 -1.72 1.17 6.11
CA GLN A 52 -2.27 1.60 7.39
C GLN A 52 -2.63 3.09 7.38
N ASN A 53 -1.78 3.88 6.72
CA ASN A 53 -2.02 5.32 6.60
C ASN A 53 -3.09 5.61 5.55
N ARG A 54 -3.11 4.80 4.49
CA ARG A 54 -4.02 5.02 3.38
C ARG A 54 -5.42 4.55 3.70
N ARG A 55 -5.52 3.40 4.38
CA ARG A 55 -6.80 2.80 4.69
C ARG A 55 -7.59 3.65 5.68
N ALA A 56 -6.90 4.56 6.36
CA ALA A 56 -7.53 5.47 7.29
C ALA A 56 -8.51 6.40 6.57
N LYS A 57 -8.23 6.68 5.31
CA LYS A 57 -9.06 7.60 4.52
C LYS A 57 -9.79 6.85 3.42
N PHE A 58 -9.23 5.73 2.98
CA PHE A 58 -9.86 4.90 1.95
C PHE A 58 -11.23 4.42 2.39
N ARG A 59 -12.26 4.84 1.66
CA ARG A 59 -13.64 4.46 1.99
C ARG A 59 -14.43 4.09 0.74
N LYS A 60 -13.76 3.43 -0.19
CA LYS A 60 -14.39 3.04 -1.45
C LYS A 60 -14.92 1.62 -1.40
N GLN A 61 -15.78 1.27 -2.35
CA GLN A 61 -16.41 -0.04 -2.37
C GLN A 61 -15.43 -1.13 -2.76
N GLU A 62 -15.34 -2.16 -1.93
CA GLU A 62 -14.48 -3.31 -2.24
C GLU A 62 -15.11 -4.20 -3.29
N ARG A 63 -14.27 -4.75 -4.17
CA ARG A 63 -14.73 -5.63 -5.23
C ARG A 63 -14.64 -7.10 -4.80
N ALA A 1 2.17 7.93 15.77
CA ALA A 1 1.26 7.03 15.07
C ALA A 1 1.42 5.60 15.56
N SER A 2 0.40 4.77 15.29
CA SER A 2 0.45 3.37 15.67
C SER A 2 1.23 2.55 14.64
N GLN A 3 1.38 3.10 13.45
CA GLN A 3 2.08 2.41 12.37
C GLN A 3 3.52 2.92 12.24
N ARG A 4 4.35 2.13 11.57
CA ARG A 4 5.76 2.49 11.40
C ARG A 4 5.91 3.70 10.49
N ARG A 5 6.74 4.65 10.92
CA ARG A 5 7.04 5.82 10.10
C ARG A 5 8.02 5.48 8.98
N ILE A 6 7.57 5.65 7.74
CA ILE A 6 8.40 5.32 6.59
C ILE A 6 8.57 6.52 5.67
N ARG A 7 9.60 6.48 4.84
CA ARG A 7 9.85 7.54 3.87
C ARG A 7 9.06 7.32 2.58
N THR A 8 8.45 8.38 2.08
CA THR A 8 7.63 8.29 0.88
C THR A 8 8.48 8.38 -0.38
N THR A 9 8.80 7.22 -0.96
CA THR A 9 9.56 7.17 -2.20
C THR A 9 8.81 6.39 -3.27
N PHE A 10 7.48 6.33 -3.13
CA PHE A 10 6.66 5.49 -4.00
C PHE A 10 6.48 6.11 -5.37
N THR A 11 6.79 5.35 -6.41
CA THR A 11 6.60 5.81 -7.78
C THR A 11 5.17 5.54 -8.26
N SER A 12 4.82 6.10 -9.42
CA SER A 12 3.48 5.93 -9.97
C SER A 12 3.21 4.47 -10.30
N ALA A 13 4.25 3.74 -10.65
CA ALA A 13 4.13 2.31 -10.91
C ALA A 13 3.86 1.54 -9.62
N GLN A 14 4.60 1.89 -8.56
CA GLN A 14 4.40 1.28 -7.26
C GLN A 14 3.03 1.62 -6.68
N LEU A 15 2.65 2.90 -6.81
CA LEU A 15 1.36 3.36 -6.30
C LEU A 15 0.20 2.70 -7.06
N LYS A 16 0.40 2.47 -8.35
CA LYS A 16 -0.59 1.79 -9.16
C LYS A 16 -0.97 0.44 -8.56
N GLU A 17 0.03 -0.40 -8.33
CA GLU A 17 -0.20 -1.74 -7.81
C GLU A 17 -0.74 -1.69 -6.38
N LEU A 18 -0.24 -0.74 -5.61
CA LEU A 18 -0.73 -0.53 -4.25
C LEU A 18 -2.20 -0.16 -4.25
N GLU A 19 -2.60 0.68 -5.20
CA GLU A 19 -3.98 1.13 -5.31
C GLU A 19 -4.89 0.00 -5.79
N ARG A 20 -4.41 -0.78 -6.75
CA ARG A 20 -5.17 -1.87 -7.31
C ARG A 20 -5.55 -2.88 -6.23
N VAL A 21 -4.58 -3.25 -5.41
CA VAL A 21 -4.80 -4.20 -4.33
C VAL A 21 -5.69 -3.60 -3.25
N PHE A 22 -5.49 -2.32 -2.96
CA PHE A 22 -6.32 -1.60 -1.99
C PHE A 22 -7.78 -1.65 -2.41
N ALA A 23 -8.04 -1.47 -3.69
CA ALA A 23 -9.39 -1.56 -4.22
C ALA A 23 -10.03 -2.92 -3.91
N GLU A 24 -9.21 -3.96 -3.97
CA GLU A 24 -9.66 -5.31 -3.64
C GLU A 24 -9.89 -5.45 -2.14
N THR A 25 -8.93 -4.97 -1.36
CA THR A 25 -9.01 -5.08 0.10
C THR A 25 -8.21 -3.96 0.77
N HIS A 26 -8.73 -3.46 1.89
CA HIS A 26 -8.06 -2.42 2.65
C HIS A 26 -6.82 -2.96 3.36
N TYR A 27 -6.73 -4.28 3.42
CA TYR A 27 -5.52 -4.93 3.93
C TYR A 27 -5.31 -6.28 3.27
N PRO A 28 -4.13 -6.47 2.67
CA PRO A 28 -3.81 -7.72 1.98
C PRO A 28 -3.46 -8.82 2.97
N ASP A 29 -3.64 -10.07 2.55
CA ASP A 29 -3.26 -11.22 3.36
C ASP A 29 -1.79 -11.57 3.16
N ILE A 30 -1.37 -12.69 3.75
CA ILE A 30 0.04 -13.06 3.76
C ILE A 30 0.58 -13.19 2.34
N TYR A 31 -0.12 -13.95 1.51
CA TYR A 31 0.31 -14.17 0.13
C TYR A 31 0.29 -12.87 -0.66
N THR A 32 -0.82 -12.15 -0.58
CA THR A 32 -1.01 -10.93 -1.36
C THR A 32 0.00 -9.86 -0.97
N ARG A 33 0.18 -9.67 0.33
CA ARG A 33 1.10 -8.66 0.84
C ARG A 33 2.54 -8.95 0.41
N GLU A 34 2.93 -10.22 0.51
CA GLU A 34 4.26 -10.63 0.08
C GLU A 34 4.48 -10.36 -1.40
N GLU A 35 3.56 -10.83 -2.23
CA GLU A 35 3.67 -10.69 -3.68
C GLU A 35 3.60 -9.23 -4.10
N LEU A 36 2.74 -8.47 -3.43
CA LEU A 36 2.64 -7.03 -3.68
C LEU A 36 3.95 -6.32 -3.36
N ALA A 37 4.54 -6.67 -2.21
CA ALA A 37 5.84 -6.12 -1.82
C ALA A 37 6.89 -6.42 -2.88
N LEU A 38 6.83 -7.62 -3.46
CA LEU A 38 7.76 -8.01 -4.51
C LEU A 38 7.53 -7.21 -5.77
N LYS A 39 6.27 -6.90 -6.06
CA LYS A 39 5.92 -6.11 -7.23
C LYS A 39 6.47 -4.70 -7.13
N ILE A 40 6.44 -4.14 -5.93
CA ILE A 40 6.90 -2.77 -5.70
C ILE A 40 8.34 -2.75 -5.22
N ASP A 41 8.89 -3.94 -4.98
CA ASP A 41 10.30 -4.07 -4.59
C ASP A 41 10.58 -3.35 -3.27
N LEU A 42 9.66 -3.51 -2.31
CA LEU A 42 9.85 -2.93 -0.99
C LEU A 42 9.50 -3.93 0.10
N THR A 43 9.51 -3.47 1.35
CA THR A 43 9.21 -4.34 2.49
C THR A 43 7.70 -4.46 2.69
N GLU A 44 7.28 -5.53 3.36
CA GLU A 44 5.87 -5.74 3.67
C GLU A 44 5.39 -4.77 4.73
N ALA A 45 6.33 -4.28 5.54
CA ALA A 45 6.03 -3.24 6.52
C ALA A 45 5.58 -1.95 5.85
N ARG A 46 6.29 -1.57 4.79
CA ARG A 46 5.94 -0.38 4.02
C ARG A 46 4.56 -0.53 3.37
N VAL A 47 4.26 -1.74 2.91
CA VAL A 47 2.95 -2.05 2.37
C VAL A 47 1.87 -1.83 3.42
N GLN A 48 2.05 -2.44 4.59
CA GLN A 48 1.09 -2.31 5.68
C GLN A 48 0.82 -0.84 6.00
N VAL A 49 1.89 -0.08 6.18
CA VAL A 49 1.77 1.33 6.55
C VAL A 49 1.01 2.12 5.49
N TRP A 50 1.36 1.89 4.24
CA TRP A 50 0.74 2.61 3.13
C TRP A 50 -0.76 2.36 3.08
N PHE A 51 -1.16 1.10 3.27
CA PHE A 51 -2.57 0.72 3.20
C PHE A 51 -3.36 1.33 4.35
N GLN A 52 -2.72 1.45 5.50
CA GLN A 52 -3.35 2.06 6.67
C GLN A 52 -3.53 3.56 6.49
N ASN A 53 -2.52 4.19 5.90
CA ASN A 53 -2.61 5.61 5.56
C ASN A 53 -3.61 5.85 4.44
N ARG A 54 -3.62 4.94 3.47
CA ARG A 54 -4.58 5.02 2.37
C ARG A 54 -6.00 4.76 2.86
N ARG A 55 -6.13 3.86 3.83
CA ARG A 55 -7.42 3.59 4.46
C ARG A 55 -7.94 4.82 5.18
N ALA A 56 -7.05 5.53 5.87
CA ALA A 56 -7.39 6.78 6.52
C ALA A 56 -7.85 7.82 5.51
N LYS A 57 -7.20 7.84 4.34
CA LYS A 57 -7.59 8.73 3.27
C LYS A 57 -8.91 8.32 2.64
N PHE A 58 -9.16 7.02 2.62
CA PHE A 58 -10.40 6.48 2.06
C PHE A 58 -11.60 6.88 2.92
N ARG A 59 -12.41 7.80 2.39
CA ARG A 59 -13.58 8.28 3.11
C ARG A 59 -14.82 8.25 2.23
N LYS A 60 -14.85 7.32 1.28
CA LYS A 60 -15.94 7.23 0.32
C LYS A 60 -17.16 6.55 0.93
N GLN A 61 -16.90 5.61 1.84
CA GLN A 61 -17.98 4.87 2.49
C GLN A 61 -18.38 5.53 3.80
N GLU A 62 -17.67 6.60 4.17
CA GLU A 62 -17.99 7.36 5.37
C GLU A 62 -19.36 8.03 5.26
N ARG A 63 -20.18 7.86 6.28
CA ARG A 63 -21.51 8.46 6.29
C ARG A 63 -21.82 9.09 7.65
N ALA A 1 5.80 7.35 12.87
CA ALA A 1 6.12 8.53 12.08
C ALA A 1 5.60 8.40 10.66
N SER A 2 4.88 9.43 10.20
CA SER A 2 4.33 9.43 8.85
C SER A 2 5.43 9.50 7.81
N GLN A 3 5.28 8.72 6.74
CA GLN A 3 6.32 8.60 5.72
C GLN A 3 6.01 9.49 4.53
N ARG A 4 7.02 9.75 3.70
CA ARG A 4 6.85 10.57 2.51
C ARG A 4 7.58 9.96 1.32
N ARG A 5 7.12 10.31 0.12
CA ARG A 5 7.73 9.79 -1.11
C ARG A 5 9.15 10.33 -1.28
N ILE A 6 9.44 11.46 -0.64
CA ILE A 6 10.77 12.03 -0.67
C ILE A 6 11.67 11.43 0.39
N ARG A 7 11.07 10.64 1.27
CA ARG A 7 11.81 9.99 2.36
C ARG A 7 12.05 8.52 2.05
N THR A 8 11.11 7.92 1.32
CA THR A 8 11.18 6.49 1.00
C THR A 8 11.48 6.28 -0.48
N THR A 9 11.25 5.06 -0.95
CA THR A 9 11.42 4.73 -2.36
C THR A 9 10.12 4.26 -2.98
N PHE A 10 9.00 4.66 -2.37
CA PHE A 10 7.68 4.36 -2.92
C PHE A 10 7.25 5.42 -3.93
N THR A 11 7.09 5.01 -5.18
CA THR A 11 6.65 5.91 -6.23
C THR A 11 5.13 5.99 -6.29
N SER A 12 4.63 7.01 -6.98
CA SER A 12 3.18 7.23 -7.08
C SER A 12 2.51 6.10 -7.86
N ALA A 13 3.26 5.48 -8.77
CA ALA A 13 2.75 4.35 -9.52
C ALA A 13 2.59 3.12 -8.63
N GLN A 14 3.62 2.86 -7.82
CA GLN A 14 3.57 1.73 -6.89
C GLN A 14 2.50 1.93 -5.82
N LEU A 15 2.35 3.17 -5.37
CA LEU A 15 1.31 3.51 -4.40
C LEU A 15 -0.08 3.43 -5.03
N LYS A 16 -0.15 3.75 -6.32
CA LYS A 16 -1.40 3.61 -7.06
C LYS A 16 -1.82 2.15 -7.18
N GLU A 17 -0.82 1.26 -7.29
CA GLU A 17 -1.07 -0.16 -7.32
C GLU A 17 -1.64 -0.65 -5.99
N LEU A 18 -1.09 -0.13 -4.89
CA LEU A 18 -1.60 -0.45 -3.57
C LEU A 18 -3.02 0.04 -3.38
N GLU A 19 -3.33 1.20 -3.96
CA GLU A 19 -4.70 1.69 -4.02
C GLU A 19 -5.62 0.70 -4.71
N ARG A 20 -5.19 0.20 -5.87
CA ARG A 20 -5.94 -0.81 -6.60
C ARG A 20 -6.14 -2.06 -5.75
N VAL A 21 -5.08 -2.51 -5.09
CA VAL A 21 -5.14 -3.68 -4.23
C VAL A 21 -6.23 -3.54 -3.18
N PHE A 22 -6.27 -2.37 -2.54
CA PHE A 22 -7.30 -2.08 -1.55
C PHE A 22 -8.70 -2.16 -2.17
N ALA A 23 -8.87 -1.52 -3.32
CA ALA A 23 -10.15 -1.53 -4.02
C ALA A 23 -10.62 -2.95 -4.31
N GLU A 24 -9.68 -3.84 -4.59
CA GLU A 24 -9.98 -5.24 -4.84
C GLU A 24 -10.24 -5.99 -3.53
N THR A 25 -9.34 -5.81 -2.57
CA THR A 25 -9.50 -6.42 -1.25
C THR A 25 -9.09 -5.46 -0.14
N HIS A 26 -10.03 -5.15 0.73
CA HIS A 26 -9.82 -4.14 1.77
C HIS A 26 -8.73 -4.57 2.75
N TYR A 27 -8.69 -5.87 3.04
CA TYR A 27 -7.73 -6.41 3.99
C TYR A 27 -7.03 -7.64 3.41
N PRO A 28 -6.04 -7.40 2.57
CA PRO A 28 -5.21 -8.48 2.02
C PRO A 28 -4.53 -9.26 3.14
N ASP A 29 -4.34 -10.55 2.89
CA ASP A 29 -3.68 -11.43 3.87
C ASP A 29 -2.17 -11.33 3.77
N ILE A 30 -1.48 -12.11 4.59
CA ILE A 30 -0.01 -12.03 4.68
C ILE A 30 0.64 -12.44 3.37
N TYR A 31 0.19 -13.55 2.81
CA TYR A 31 0.73 -14.05 1.55
C TYR A 31 0.62 -13.01 0.45
N THR A 32 -0.59 -12.46 0.29
CA THR A 32 -0.83 -11.45 -0.73
C THR A 32 0.10 -10.26 -0.57
N ARG A 33 0.16 -9.71 0.64
CA ARG A 33 1.01 -8.55 0.92
C ARG A 33 2.47 -8.85 0.60
N GLU A 34 2.94 -10.02 1.03
CA GLU A 34 4.30 -10.44 0.77
C GLU A 34 4.59 -10.46 -0.73
N GLU A 35 3.70 -11.08 -1.49
CA GLU A 35 3.88 -11.20 -2.94
C GLU A 35 3.85 -9.83 -3.61
N LEU A 36 2.98 -8.95 -3.12
CA LEU A 36 2.91 -7.58 -3.63
C LEU A 36 4.22 -6.83 -3.38
N ALA A 37 4.77 -7.00 -2.18
CA ALA A 37 6.03 -6.37 -1.83
C ALA A 37 7.17 -6.87 -2.72
N LEU A 38 7.12 -8.15 -3.05
CA LEU A 38 8.13 -8.76 -3.92
C LEU A 38 8.01 -8.24 -5.34
N LYS A 39 6.79 -8.01 -5.79
CA LYS A 39 6.54 -7.51 -7.13
C LYS A 39 7.08 -6.09 -7.31
N ILE A 40 6.92 -5.28 -6.27
CA ILE A 40 7.39 -3.90 -6.30
C ILE A 40 8.78 -3.78 -5.67
N ASP A 41 9.23 -4.86 -5.04
CA ASP A 41 10.59 -4.92 -4.52
C ASP A 41 10.83 -3.85 -3.46
N LEU A 42 9.87 -3.72 -2.55
CA LEU A 42 9.99 -2.77 -1.45
C LEU A 42 9.69 -3.42 -0.11
N THR A 43 10.22 -2.83 0.96
CA THR A 43 10.11 -3.43 2.29
C THR A 43 8.65 -3.71 2.65
N GLU A 44 8.35 -4.97 2.91
CA GLU A 44 6.97 -5.40 3.16
C GLU A 44 6.35 -4.61 4.30
N ALA A 45 7.14 -4.37 5.35
CA ALA A 45 6.68 -3.61 6.50
C ALA A 45 6.21 -2.22 6.08
N ARG A 46 6.98 -1.58 5.20
CA ARG A 46 6.63 -0.26 4.71
C ARG A 46 5.42 -0.31 3.77
N VAL A 47 5.32 -1.40 3.03
CA VAL A 47 4.16 -1.61 2.16
C VAL A 47 2.86 -1.61 2.95
N GLN A 48 2.89 -2.28 4.11
CA GLN A 48 1.74 -2.29 5.01
C GLN A 48 1.38 -0.87 5.46
N VAL A 49 2.39 -0.09 5.81
CA VAL A 49 2.18 1.29 6.25
C VAL A 49 1.59 2.14 5.13
N TRP A 50 2.19 2.05 3.95
CA TRP A 50 1.75 2.85 2.81
C TRP A 50 0.40 2.40 2.29
N PHE A 51 0.13 1.10 2.39
CA PHE A 51 -1.18 0.55 2.05
C PHE A 51 -2.28 1.19 2.89
N GLN A 52 -2.03 1.30 4.20
CA GLN A 52 -2.97 1.94 5.10
C GLN A 52 -3.11 3.43 4.79
N ASN A 53 -2.01 4.04 4.33
CA ASN A 53 -2.04 5.43 3.90
C ASN A 53 -2.91 5.61 2.68
N ARG A 54 -2.90 4.62 1.78
CA ARG A 54 -3.75 4.64 0.60
C ARG A 54 -5.21 4.50 0.98
N ARG A 55 -5.50 3.67 1.98
CA ARG A 55 -6.83 3.57 2.55
C ARG A 55 -7.29 4.90 3.13
N ALA A 56 -6.42 5.52 3.91
CA ALA A 56 -6.76 6.77 4.59
C ALA A 56 -7.18 7.84 3.60
N LYS A 57 -6.47 7.90 2.47
CA LYS A 57 -6.74 8.91 1.45
C LYS A 57 -7.38 8.28 0.21
N PHE A 58 -8.00 7.12 0.40
CA PHE A 58 -8.62 6.39 -0.70
C PHE A 58 -9.74 7.21 -1.34
N ARG A 59 -10.61 7.75 -0.51
CA ARG A 59 -11.74 8.55 -0.98
C ARG A 59 -11.38 10.03 -1.06
N LYS A 60 -10.30 10.41 -0.38
CA LYS A 60 -9.88 11.80 -0.33
C LYS A 60 -9.23 12.23 -1.63
N GLN A 61 -8.41 11.36 -2.20
CA GLN A 61 -7.71 11.66 -3.44
C GLN A 61 -8.45 11.11 -4.66
N GLU A 62 -9.58 10.47 -4.40
CA GLU A 62 -10.45 9.97 -5.47
C GLU A 62 -10.99 11.11 -6.31
N ARG A 63 -10.85 11.00 -7.63
CA ARG A 63 -11.32 12.03 -8.54
C ARG A 63 -12.03 11.40 -9.74
N ALA A 1 2.41 6.41 10.27
CA ALA A 1 3.60 5.93 9.57
C ALA A 1 4.83 5.97 10.47
N SER A 2 4.71 6.68 11.59
CA SER A 2 5.83 6.88 12.50
C SER A 2 6.17 5.60 13.24
N GLN A 3 5.24 4.65 13.24
CA GLN A 3 5.45 3.36 13.88
C GLN A 3 6.49 2.53 13.15
N ARG A 4 6.78 2.92 11.91
CA ARG A 4 7.77 2.23 11.10
C ARG A 4 8.63 3.23 10.32
N ARG A 5 8.29 4.50 10.42
CA ARG A 5 9.03 5.55 9.72
C ARG A 5 8.97 5.35 8.22
N ILE A 6 7.76 5.18 7.69
CA ILE A 6 7.57 4.96 6.26
C ILE A 6 7.23 6.26 5.54
N ARG A 7 8.14 6.71 4.68
CA ARG A 7 7.86 7.85 3.81
C ARG A 7 7.50 7.40 2.41
N THR A 8 6.39 7.91 1.89
CA THR A 8 5.90 7.52 0.57
C THR A 8 6.81 8.05 -0.53
N THR A 9 7.95 7.39 -0.71
CA THR A 9 8.85 7.71 -1.82
C THR A 9 8.67 6.73 -2.97
N PHE A 10 7.42 6.45 -3.33
CA PHE A 10 7.11 5.37 -4.25
C PHE A 10 6.90 5.89 -5.66
N THR A 11 7.15 5.04 -6.64
CA THR A 11 6.98 5.41 -8.04
C THR A 11 5.53 5.25 -8.48
N SER A 12 5.21 5.78 -9.66
CA SER A 12 3.85 5.70 -10.19
C SER A 12 3.45 4.26 -10.47
N ALA A 13 4.44 3.43 -10.81
CA ALA A 13 4.21 2.01 -11.02
C ALA A 13 3.91 1.30 -9.70
N GLN A 14 4.69 1.62 -8.68
CA GLN A 14 4.49 1.05 -7.36
C GLN A 14 3.15 1.47 -6.76
N LEU A 15 2.83 2.75 -6.91
CA LEU A 15 1.57 3.28 -6.39
C LEU A 15 0.38 2.74 -7.18
N LYS A 16 0.59 2.53 -8.47
CA LYS A 16 -0.45 1.94 -9.33
C LYS A 16 -0.86 0.56 -8.82
N GLU A 17 0.13 -0.27 -8.51
CA GLU A 17 -0.13 -1.62 -8.02
C GLU A 17 -0.72 -1.60 -6.63
N LEU A 18 -0.23 -0.68 -5.80
CA LEU A 18 -0.79 -0.48 -4.47
C LEU A 18 -2.25 -0.05 -4.53
N GLU A 19 -2.56 0.84 -5.47
CA GLU A 19 -3.92 1.34 -5.63
C GLU A 19 -4.83 0.27 -6.21
N ARG A 20 -4.31 -0.51 -7.15
CA ARG A 20 -5.05 -1.61 -7.74
C ARG A 20 -5.51 -2.60 -6.67
N VAL A 21 -4.58 -3.00 -5.80
CA VAL A 21 -4.89 -3.89 -4.71
C VAL A 21 -5.81 -3.23 -3.69
N PHE A 22 -5.61 -1.93 -3.48
CA PHE A 22 -6.47 -1.16 -2.59
C PHE A 22 -7.92 -1.23 -3.04
N ALA A 23 -8.14 -1.13 -4.35
CA ALA A 23 -9.47 -1.30 -4.92
C ALA A 23 -10.02 -2.69 -4.62
N GLU A 24 -9.15 -3.69 -4.66
CA GLU A 24 -9.53 -5.06 -4.34
C GLU A 24 -9.82 -5.21 -2.85
N THR A 25 -9.04 -4.51 -2.03
CA THR A 25 -9.21 -4.59 -0.58
C THR A 25 -8.41 -3.48 0.12
N HIS A 26 -9.00 -2.93 1.18
CA HIS A 26 -8.33 -1.88 1.95
C HIS A 26 -7.09 -2.41 2.64
N TYR A 27 -6.99 -3.73 2.76
CA TYR A 27 -5.79 -4.37 3.28
C TYR A 27 -5.65 -5.79 2.74
N PRO A 28 -4.48 -6.08 2.17
CA PRO A 28 -4.23 -7.39 1.59
C PRO A 28 -3.91 -8.42 2.66
N ASP A 29 -4.07 -9.70 2.32
CA ASP A 29 -3.67 -10.79 3.21
C ASP A 29 -2.16 -10.83 3.36
N ILE A 30 -1.69 -11.56 4.37
CA ILE A 30 -0.27 -11.65 4.67
C ILE A 30 0.53 -12.13 3.46
N TYR A 31 0.05 -13.20 2.85
CA TYR A 31 0.68 -13.74 1.64
C TYR A 31 0.63 -12.73 0.50
N THR A 32 -0.56 -12.17 0.27
CA THR A 32 -0.74 -11.20 -0.81
C THR A 32 0.17 -9.99 -0.62
N ARG A 33 0.27 -9.52 0.62
CA ARG A 33 1.13 -8.38 0.94
C ARG A 33 2.58 -8.66 0.57
N GLU A 34 3.06 -9.84 0.95
CA GLU A 34 4.42 -10.26 0.59
C GLU A 34 4.60 -10.31 -0.91
N GLU A 35 3.70 -11.01 -1.59
CA GLU A 35 3.77 -11.14 -3.05
C GLU A 35 3.78 -9.77 -3.73
N LEU A 36 2.84 -8.92 -3.34
CA LEU A 36 2.77 -7.57 -3.86
C LEU A 36 4.09 -6.83 -3.65
N ALA A 37 4.57 -6.83 -2.41
CA ALA A 37 5.78 -6.11 -2.07
C ALA A 37 6.95 -6.55 -2.94
N LEU A 38 7.05 -7.86 -3.17
CA LEU A 38 8.14 -8.41 -3.96
C LEU A 38 8.05 -7.95 -5.42
N LYS A 39 6.81 -7.82 -5.91
CA LYS A 39 6.59 -7.44 -7.30
C LYS A 39 6.87 -5.95 -7.51
N ILE A 40 6.57 -5.15 -6.50
CA ILE A 40 6.73 -3.70 -6.59
C ILE A 40 8.03 -3.24 -5.91
N ASP A 41 8.78 -4.20 -5.39
CA ASP A 41 10.11 -3.92 -4.86
C ASP A 41 10.03 -2.98 -3.66
N LEU A 42 9.10 -3.27 -2.75
CA LEU A 42 9.09 -2.61 -1.45
C LEU A 42 9.17 -3.63 -0.32
N THR A 43 9.29 -3.14 0.90
CA THR A 43 9.22 -4.00 2.09
C THR A 43 7.77 -4.17 2.55
N GLU A 44 7.54 -5.20 3.37
CA GLU A 44 6.21 -5.45 3.90
C GLU A 44 5.75 -4.33 4.83
N ALA A 45 6.71 -3.70 5.50
CA ALA A 45 6.42 -2.55 6.35
C ALA A 45 5.95 -1.37 5.53
N ARG A 46 6.64 -1.10 4.43
CA ARG A 46 6.28 0.01 3.54
C ARG A 46 4.90 -0.19 2.95
N VAL A 47 4.60 -1.41 2.54
CA VAL A 47 3.31 -1.74 1.95
C VAL A 47 2.21 -1.71 3.00
N GLN A 48 2.45 -2.38 4.12
CA GLN A 48 1.46 -2.45 5.20
C GLN A 48 1.02 -1.05 5.64
N VAL A 49 1.99 -0.20 5.94
CA VAL A 49 1.70 1.14 6.44
C VAL A 49 0.93 1.96 5.41
N TRP A 50 1.28 1.79 4.14
CA TRP A 50 0.59 2.47 3.05
C TRP A 50 -0.90 2.16 3.09
N PHE A 51 -1.23 0.88 3.27
CA PHE A 51 -2.63 0.46 3.32
C PHE A 51 -3.30 0.92 4.61
N GLN A 52 -2.53 0.98 5.68
CA GLN A 52 -3.03 1.47 6.96
C GLN A 52 -3.35 2.96 6.90
N ASN A 53 -2.53 3.70 6.16
CA ASN A 53 -2.78 5.13 5.95
C ASN A 53 -4.03 5.35 5.12
N ARG A 54 -4.20 4.53 4.09
CA ARG A 54 -5.37 4.64 3.22
C ARG A 54 -6.63 4.17 3.93
N ARG A 55 -6.47 3.21 4.83
CA ARG A 55 -7.57 2.76 5.69
C ARG A 55 -8.09 3.91 6.54
N ALA A 56 -7.17 4.65 7.16
CA ALA A 56 -7.52 5.80 7.97
C ALA A 56 -8.18 6.89 7.13
N LYS A 57 -7.63 7.11 5.94
CA LYS A 57 -8.14 8.14 5.04
C LYS A 57 -9.46 7.73 4.42
N PHE A 58 -9.62 6.44 4.18
CA PHE A 58 -10.83 5.91 3.56
C PHE A 58 -11.45 4.80 4.40
N ARG A 59 -12.04 5.19 5.52
CA ARG A 59 -12.64 4.22 6.45
C ARG A 59 -13.94 3.67 5.92
N LYS A 60 -14.42 4.24 4.81
CA LYS A 60 -15.56 3.69 4.10
C LYS A 60 -15.22 2.35 3.47
N GLN A 61 -13.94 2.12 3.22
CA GLN A 61 -13.47 0.86 2.66
C GLN A 61 -13.01 -0.09 3.77
N GLU A 62 -13.00 0.41 5.00
CA GLU A 62 -12.56 -0.39 6.15
C GLU A 62 -13.61 -1.43 6.50
N ARG A 63 -13.15 -2.66 6.77
CA ARG A 63 -14.05 -3.75 7.12
C ARG A 63 -13.50 -4.56 8.30
N ALA A 1 7.68 11.69 -0.02
CA ALA A 1 8.44 10.81 0.86
C ALA A 1 9.46 11.58 1.67
N SER A 2 9.89 10.99 2.79
CA SER A 2 10.88 11.63 3.66
C SER A 2 12.28 11.50 3.09
N GLN A 3 13.18 12.36 3.55
CA GLN A 3 14.56 12.33 3.09
C GLN A 3 15.49 11.80 4.17
N ARG A 4 15.94 10.56 3.99
CA ARG A 4 16.82 9.92 4.96
C ARG A 4 17.92 9.12 4.27
N ARG A 5 19.03 8.94 4.98
CA ARG A 5 20.12 8.11 4.47
C ARG A 5 19.65 6.71 4.11
N ILE A 6 18.87 6.11 5.01
CA ILE A 6 18.29 4.79 4.76
C ILE A 6 16.78 4.87 4.60
N ARG A 7 16.30 4.52 3.42
CA ARG A 7 14.88 4.61 3.11
C ARG A 7 14.49 3.70 1.95
N THR A 8 13.20 3.48 1.77
CA THR A 8 12.70 2.67 0.67
C THR A 8 12.48 3.51 -0.58
N THR A 9 13.10 3.10 -1.68
CA THR A 9 12.97 3.80 -2.95
C THR A 9 11.77 3.29 -3.74
N PHE A 10 10.86 4.21 -4.10
CA PHE A 10 9.67 3.84 -4.86
C PHE A 10 9.19 5.01 -5.71
N THR A 11 8.40 4.70 -6.73
CA THR A 11 7.83 5.73 -7.59
C THR A 11 6.36 5.98 -7.27
N SER A 12 5.82 7.09 -7.76
CA SER A 12 4.41 7.42 -7.55
C SER A 12 3.52 6.46 -8.31
N ALA A 13 4.03 5.90 -9.40
CA ALA A 13 3.32 4.88 -10.15
C ALA A 13 3.16 3.60 -9.31
N GLN A 14 4.23 3.21 -8.63
CA GLN A 14 4.19 2.05 -7.76
C GLN A 14 3.26 2.28 -6.57
N LEU A 15 3.30 3.48 -6.02
CA LEU A 15 2.43 3.85 -4.91
C LEU A 15 0.96 3.78 -5.32
N LYS A 16 0.63 4.40 -6.44
CA LYS A 16 -0.74 4.41 -6.94
C LYS A 16 -1.20 3.00 -7.31
N GLU A 17 -0.26 2.19 -7.78
CA GLU A 17 -0.56 0.79 -8.08
C GLU A 17 -0.95 0.02 -6.82
N LEU A 18 -0.21 0.24 -5.74
CA LEU A 18 -0.50 -0.39 -4.46
C LEU A 18 -1.82 0.10 -3.90
N GLU A 19 -2.13 1.37 -4.15
CA GLU A 19 -3.42 1.93 -3.79
C GLU A 19 -4.55 1.23 -4.53
N ARG A 20 -4.33 0.95 -5.81
CA ARG A 20 -5.27 0.15 -6.59
C ARG A 20 -5.41 -1.26 -6.02
N VAL A 21 -4.29 -1.86 -5.67
CA VAL A 21 -4.29 -3.19 -5.06
C VAL A 21 -5.12 -3.20 -3.78
N PHE A 22 -4.96 -2.18 -2.96
CA PHE A 22 -5.73 -2.04 -1.73
C PHE A 22 -7.22 -1.97 -2.03
N ALA A 23 -7.58 -1.25 -3.08
CA ALA A 23 -8.98 -1.15 -3.51
C ALA A 23 -9.55 -2.51 -3.83
N GLU A 24 -8.72 -3.39 -4.38
CA GLU A 24 -9.12 -4.76 -4.66
C GLU A 24 -9.16 -5.60 -3.39
N THR A 25 -8.08 -5.55 -2.62
CA THR A 25 -8.00 -6.28 -1.36
C THR A 25 -7.63 -5.36 -0.21
N HIS A 26 -8.61 -5.02 0.62
CA HIS A 26 -8.42 -4.05 1.69
C HIS A 26 -7.65 -4.66 2.86
N TYR A 27 -7.90 -5.94 3.11
CA TYR A 27 -7.29 -6.62 4.25
C TYR A 27 -6.62 -7.93 3.82
N PRO A 28 -5.47 -7.81 3.18
CA PRO A 28 -4.70 -8.99 2.78
C PRO A 28 -4.04 -9.65 3.99
N ASP A 29 -3.82 -10.95 3.88
CA ASP A 29 -3.15 -11.70 4.94
C ASP A 29 -1.63 -11.69 4.75
N ILE A 30 -0.93 -12.44 5.59
CA ILE A 30 0.52 -12.41 5.61
C ILE A 30 1.10 -12.84 4.26
N TYR A 31 0.61 -13.97 3.76
CA TYR A 31 1.07 -14.50 2.48
C TYR A 31 0.76 -13.53 1.34
N THR A 32 -0.49 -13.07 1.28
CA THR A 32 -0.92 -12.17 0.22
C THR A 32 -0.08 -10.90 0.19
N ARG A 33 0.03 -10.23 1.32
CA ARG A 33 0.77 -8.98 1.41
C ARG A 33 2.23 -9.18 1.02
N GLU A 34 2.83 -10.27 1.51
CA GLU A 34 4.20 -10.62 1.16
C GLU A 34 4.37 -10.73 -0.36
N GLU A 35 3.45 -11.46 -1.00
CA GLU A 35 3.50 -11.64 -2.44
C GLU A 35 3.29 -10.32 -3.17
N LEU A 36 2.41 -9.49 -2.64
CA LEU A 36 2.17 -8.17 -3.20
C LEU A 36 3.41 -7.30 -3.13
N ALA A 37 4.13 -7.39 -2.01
CA ALA A 37 5.39 -6.69 -1.85
C ALA A 37 6.42 -7.16 -2.86
N LEU A 38 6.43 -8.46 -3.14
CA LEU A 38 7.33 -9.04 -4.13
C LEU A 38 6.96 -8.60 -5.54
N LYS A 39 5.67 -8.50 -5.81
CA LYS A 39 5.18 -8.08 -7.11
C LYS A 39 5.56 -6.63 -7.40
N ILE A 40 5.39 -5.77 -6.39
CA ILE A 40 5.73 -4.36 -6.53
C ILE A 40 7.21 -4.13 -6.25
N ASP A 41 7.86 -5.11 -5.63
CA ASP A 41 9.29 -5.04 -5.36
C ASP A 41 9.61 -3.91 -4.41
N LEU A 42 8.82 -3.78 -3.35
CA LEU A 42 9.05 -2.75 -2.34
C LEU A 42 8.97 -3.33 -0.94
N THR A 43 9.53 -2.61 0.03
CA THR A 43 9.56 -3.07 1.41
C THR A 43 8.16 -3.42 1.91
N GLU A 44 7.98 -4.67 2.32
CA GLU A 44 6.66 -5.15 2.73
C GLU A 44 6.09 -4.29 3.86
N ALA A 45 6.94 -3.94 4.81
CA ALA A 45 6.52 -3.10 5.93
C ALA A 45 5.95 -1.77 5.45
N ARG A 46 6.59 -1.19 4.43
CA ARG A 46 6.15 0.07 3.88
C ARG A 46 4.86 -0.09 3.08
N VAL A 47 4.72 -1.24 2.42
CA VAL A 47 3.49 -1.56 1.70
C VAL A 47 2.29 -1.58 2.62
N GLN A 48 2.46 -2.15 3.81
CA GLN A 48 1.42 -2.14 4.82
C GLN A 48 1.06 -0.72 5.24
N VAL A 49 2.08 0.11 5.43
CA VAL A 49 1.87 1.51 5.77
C VAL A 49 1.13 2.25 4.65
N TRP A 50 1.52 1.97 3.41
CA TRP A 50 0.91 2.64 2.26
C TRP A 50 -0.51 2.15 2.04
N PHE A 51 -0.78 0.90 2.42
CA PHE A 51 -2.14 0.37 2.44
C PHE A 51 -2.99 1.12 3.46
N GLN A 52 -2.41 1.43 4.61
CA GLN A 52 -3.10 2.18 5.65
C GLN A 52 -3.33 3.63 5.23
N ASN A 53 -2.37 4.17 4.48
CA ASN A 53 -2.53 5.51 3.91
C ASN A 53 -3.69 5.56 2.92
N ARG A 54 -3.82 4.50 2.12
CA ARG A 54 -4.94 4.38 1.20
C ARG A 54 -6.24 4.10 1.94
N ARG A 55 -6.13 3.35 3.05
CA ARG A 55 -7.27 3.13 3.92
C ARG A 55 -7.84 4.44 4.44
N ALA A 56 -6.96 5.36 4.83
CA ALA A 56 -7.37 6.68 5.27
C ALA A 56 -8.09 7.43 4.15
N LYS A 57 -7.58 7.30 2.92
CA LYS A 57 -8.22 7.86 1.75
C LYS A 57 -9.58 7.20 1.50
N PHE A 58 -9.61 5.88 1.62
CA PHE A 58 -10.84 5.12 1.41
C PHE A 58 -11.93 5.57 2.37
N ARG A 59 -11.57 5.76 3.64
CA ARG A 59 -12.53 6.12 4.67
C ARG A 59 -12.54 7.63 4.90
N LYS A 60 -11.94 8.37 3.97
CA LYS A 60 -11.83 9.83 4.11
C LYS A 60 -13.20 10.47 4.17
N GLN A 61 -14.15 9.93 3.41
CA GLN A 61 -15.48 10.53 3.30
C GLN A 61 -16.44 9.91 4.31
N GLU A 62 -15.92 9.03 5.15
CA GLU A 62 -16.74 8.37 6.16
C GLU A 62 -17.04 9.30 7.32
N ARG A 63 -18.31 9.35 7.72
CA ARG A 63 -18.73 10.21 8.82
C ARG A 63 -19.68 9.49 9.76
N ALA A 1 8.97 18.92 8.15
CA ALA A 1 9.07 17.51 7.79
C ALA A 1 8.15 16.65 8.66
N SER A 2 7.81 15.47 8.16
CA SER A 2 6.94 14.55 8.88
C SER A 2 7.71 13.84 9.99
N GLN A 3 6.98 13.28 10.94
CA GLN A 3 7.59 12.59 12.08
C GLN A 3 7.32 11.09 12.02
N ARG A 4 6.96 10.60 10.84
CA ARG A 4 6.64 9.19 10.65
C ARG A 4 7.90 8.33 10.70
N ARG A 5 7.80 7.17 11.34
CA ARG A 5 8.92 6.23 11.41
C ARG A 5 9.08 5.49 10.09
N ILE A 6 7.97 5.25 9.41
CA ILE A 6 8.00 4.58 8.11
C ILE A 6 7.34 5.44 7.04
N ARG A 7 8.06 5.68 5.95
CA ARG A 7 7.52 6.44 4.83
C ARG A 7 8.31 6.17 3.56
N THR A 8 7.63 5.79 2.49
CA THR A 8 8.28 5.46 1.23
C THR A 8 7.62 6.21 0.06
N THR A 9 8.46 6.78 -0.80
CA THR A 9 7.96 7.43 -2.01
C THR A 9 7.80 6.43 -3.15
N PHE A 10 6.61 6.40 -3.75
CA PHE A 10 6.29 5.43 -4.78
C PHE A 10 6.11 6.11 -6.13
N THR A 11 6.38 5.37 -7.21
CA THR A 11 6.08 5.85 -8.56
C THR A 11 4.63 5.55 -8.93
N SER A 12 4.21 6.09 -10.07
CA SER A 12 2.84 5.90 -10.54
C SER A 12 2.54 4.43 -10.82
N ALA A 13 3.57 3.70 -11.22
CA ALA A 13 3.44 2.26 -11.45
C ALA A 13 3.32 1.50 -10.14
N GLN A 14 4.13 1.88 -9.16
CA GLN A 14 4.09 1.27 -7.85
C GLN A 14 2.77 1.57 -7.14
N LEU A 15 2.31 2.81 -7.26
CA LEU A 15 1.04 3.22 -6.67
C LEU A 15 -0.14 2.55 -7.37
N LYS A 16 0.00 2.34 -8.67
CA LYS A 16 -1.02 1.66 -9.46
C LYS A 16 -1.33 0.29 -8.87
N GLU A 17 -0.29 -0.48 -8.56
CA GLU A 17 -0.45 -1.81 -7.98
C GLU A 17 -1.02 -1.74 -6.57
N LEU A 18 -0.53 -0.78 -5.79
CA LEU A 18 -1.01 -0.58 -4.43
C LEU A 18 -2.48 -0.18 -4.41
N GLU A 19 -2.87 0.68 -5.35
CA GLU A 19 -4.24 1.15 -5.43
C GLU A 19 -5.17 0.05 -5.94
N ARG A 20 -4.69 -0.73 -6.90
CA ARG A 20 -5.44 -1.87 -7.41
C ARG A 20 -5.80 -2.84 -6.29
N VAL A 21 -4.81 -3.17 -5.46
CA VAL A 21 -5.04 -4.05 -4.32
C VAL A 21 -5.98 -3.41 -3.31
N PHE A 22 -5.80 -2.12 -3.08
CA PHE A 22 -6.65 -1.37 -2.16
C PHE A 22 -8.12 -1.47 -2.55
N ALA A 23 -8.39 -1.38 -3.85
CA ALA A 23 -9.73 -1.56 -4.37
C ALA A 23 -10.29 -2.93 -4.03
N GLU A 24 -9.42 -3.93 -4.07
CA GLU A 24 -9.81 -5.30 -3.71
C GLU A 24 -10.00 -5.44 -2.20
N THR A 25 -9.08 -4.84 -1.44
CA THR A 25 -9.14 -4.89 0.01
C THR A 25 -8.34 -3.76 0.63
N HIS A 26 -8.87 -3.20 1.72
CA HIS A 26 -8.18 -2.13 2.45
C HIS A 26 -7.00 -2.67 3.22
N TYR A 27 -6.95 -3.99 3.39
CA TYR A 27 -5.83 -4.64 4.07
C TYR A 27 -5.44 -5.93 3.37
N PRO A 28 -4.19 -6.00 2.94
CA PRO A 28 -3.70 -7.17 2.19
C PRO A 28 -3.39 -8.32 3.12
N ASP A 29 -3.54 -9.54 2.61
CA ASP A 29 -3.18 -10.74 3.35
C ASP A 29 -1.73 -11.12 3.12
N ILE A 30 -1.33 -12.27 3.65
CA ILE A 30 0.06 -12.69 3.61
C ILE A 30 0.57 -12.81 2.17
N TYR A 31 -0.21 -13.49 1.33
CA TYR A 31 0.15 -13.65 -0.07
C TYR A 31 0.25 -12.30 -0.77
N THR A 32 -0.75 -11.45 -0.57
CA THR A 32 -0.84 -10.19 -1.29
C THR A 32 0.32 -9.27 -0.96
N ARG A 33 0.64 -9.16 0.33
CA ARG A 33 1.69 -8.26 0.77
C ARG A 33 3.06 -8.74 0.33
N GLU A 34 3.20 -10.05 0.18
CA GLU A 34 4.43 -10.63 -0.34
C GLU A 34 4.55 -10.38 -1.85
N GLU A 35 3.44 -10.51 -2.56
CA GLU A 35 3.39 -10.16 -3.97
C GLU A 35 3.79 -8.70 -4.20
N LEU A 36 3.18 -7.80 -3.44
CA LEU A 36 3.50 -6.39 -3.52
C LEU A 36 4.95 -6.13 -3.13
N ALA A 37 5.41 -6.82 -2.10
CA ALA A 37 6.79 -6.68 -1.63
C ALA A 37 7.78 -6.95 -2.75
N LEU A 38 7.57 -8.05 -3.48
CA LEU A 38 8.50 -8.49 -4.50
C LEU A 38 8.42 -7.60 -5.73
N LYS A 39 7.20 -7.19 -6.09
CA LYS A 39 6.97 -6.46 -7.32
C LYS A 39 7.33 -4.99 -7.16
N ILE A 40 7.07 -4.44 -5.99
CA ILE A 40 7.28 -3.02 -5.73
C ILE A 40 8.61 -2.77 -5.05
N ASP A 41 9.22 -3.84 -4.53
CA ASP A 41 10.57 -3.77 -3.98
C ASP A 41 10.57 -3.07 -2.63
N LEU A 42 9.74 -3.56 -1.71
CA LEU A 42 9.75 -3.08 -0.34
C LEU A 42 9.44 -4.20 0.64
N THR A 43 9.45 -3.88 1.94
CA THR A 43 9.14 -4.86 2.97
C THR A 43 7.63 -4.95 3.21
N GLU A 44 7.19 -6.09 3.71
CA GLU A 44 5.77 -6.31 3.97
C GLU A 44 5.26 -5.36 5.04
N ALA A 45 6.15 -4.94 5.93
CA ALA A 45 5.82 -3.94 6.94
C ALA A 45 5.49 -2.60 6.30
N ARG A 46 6.33 -2.17 5.35
CA ARG A 46 6.12 -0.91 4.66
C ARG A 46 4.84 -0.94 3.83
N VAL A 47 4.54 -2.11 3.25
CA VAL A 47 3.29 -2.31 2.55
C VAL A 47 2.09 -1.98 3.43
N GLN A 48 2.04 -2.61 4.60
CA GLN A 48 0.91 -2.45 5.51
C GLN A 48 0.73 -0.99 5.90
N VAL A 49 1.83 -0.30 6.15
CA VAL A 49 1.80 1.10 6.52
C VAL A 49 1.07 1.95 5.49
N TRP A 50 1.38 1.70 4.21
CA TRP A 50 0.73 2.42 3.12
C TRP A 50 -0.77 2.23 3.14
N PHE A 51 -1.20 0.99 3.36
CA PHE A 51 -2.62 0.65 3.34
C PHE A 51 -3.35 1.23 4.54
N GLN A 52 -2.64 1.33 5.66
CA GLN A 52 -3.18 1.97 6.86
C GLN A 52 -3.42 3.46 6.62
N ASN A 53 -2.46 4.12 5.99
CA ASN A 53 -2.59 5.53 5.65
C ASN A 53 -3.62 5.75 4.56
N ARG A 54 -3.61 4.86 3.57
CA ARG A 54 -4.54 4.97 2.44
C ARG A 54 -5.98 4.77 2.91
N ARG A 55 -6.18 3.78 3.78
CA ARG A 55 -7.51 3.52 4.34
C ARG A 55 -8.02 4.73 5.13
N ALA A 56 -7.15 5.31 5.93
CA ALA A 56 -7.49 6.51 6.69
C ALA A 56 -7.90 7.65 5.77
N LYS A 57 -7.09 7.89 4.74
CA LYS A 57 -7.38 8.94 3.77
C LYS A 57 -8.69 8.67 3.03
N PHE A 58 -8.92 7.40 2.71
CA PHE A 58 -10.17 7.00 2.07
C PHE A 58 -11.36 7.37 2.93
N ARG A 59 -11.31 7.02 4.21
CA ARG A 59 -12.42 7.27 5.13
C ARG A 59 -12.63 8.75 5.34
N LYS A 60 -11.54 9.52 5.29
CA LYS A 60 -11.63 10.97 5.39
C LYS A 60 -12.35 11.57 4.20
N GLN A 61 -12.12 10.99 3.02
CA GLN A 61 -12.76 11.47 1.81
C GLN A 61 -14.04 10.70 1.51
N GLU A 62 -14.29 9.65 2.28
CA GLU A 62 -15.50 8.84 2.12
C GLU A 62 -16.73 9.64 2.47
N ARG A 63 -17.74 9.58 1.61
CA ARG A 63 -19.00 10.29 1.83
C ARG A 63 -20.20 9.41 1.52
N ALA A 1 1.32 13.99 8.78
CA ALA A 1 1.94 13.75 7.49
C ALA A 1 1.40 12.48 6.83
N SER A 2 0.56 12.66 5.82
CA SER A 2 -0.05 11.53 5.14
C SER A 2 0.87 10.96 4.07
N GLN A 3 0.47 9.83 3.49
CA GLN A 3 1.28 9.17 2.47
C GLN A 3 1.32 9.97 1.18
N ARG A 4 2.54 10.30 0.74
CA ARG A 4 2.71 11.09 -0.48
C ARG A 4 3.77 10.48 -1.39
N ARG A 5 3.65 10.74 -2.69
CA ARG A 5 4.63 10.25 -3.65
C ARG A 5 6.02 10.78 -3.36
N ILE A 6 6.08 12.00 -2.84
CA ILE A 6 7.35 12.65 -2.55
C ILE A 6 8.04 12.01 -1.36
N ARG A 7 7.30 11.16 -0.65
CA ARG A 7 7.83 10.50 0.55
C ARG A 7 8.26 9.07 0.24
N THR A 8 8.21 8.70 -1.04
CA THR A 8 8.61 7.36 -1.46
C THR A 8 9.46 7.42 -2.72
N THR A 9 9.71 6.26 -3.30
CA THR A 9 10.50 6.17 -4.53
C THR A 9 9.66 5.65 -5.69
N PHE A 10 8.46 5.16 -5.37
CA PHE A 10 7.55 4.66 -6.39
C PHE A 10 6.94 5.78 -7.20
N THR A 11 6.72 5.53 -8.49
CA THR A 11 6.14 6.52 -9.38
C THR A 11 4.62 6.53 -9.26
N SER A 12 3.99 7.54 -9.86
CA SER A 12 2.54 7.68 -9.81
C SER A 12 1.85 6.50 -10.50
N ALA A 13 2.52 5.93 -11.49
CA ALA A 13 2.02 4.73 -12.16
C ALA A 13 2.11 3.51 -11.26
N GLN A 14 3.23 3.39 -10.54
CA GLN A 14 3.41 2.29 -9.60
C GLN A 14 2.49 2.43 -8.41
N LEU A 15 2.26 3.66 -7.97
CA LEU A 15 1.30 3.94 -6.90
C LEU A 15 -0.12 3.68 -7.36
N LYS A 16 -0.39 3.96 -8.64
CA LYS A 16 -1.68 3.63 -9.23
C LYS A 16 -1.94 2.14 -9.21
N GLU A 17 -0.90 1.35 -9.44
CA GLU A 17 -0.99 -0.10 -9.33
C GLU A 17 -1.34 -0.53 -7.92
N LEU A 18 -0.69 0.09 -6.94
CA LEU A 18 -0.99 -0.17 -5.53
C LEU A 18 -2.41 0.29 -5.18
N GLU A 19 -2.85 1.37 -5.82
CA GLU A 19 -4.21 1.85 -5.65
C GLU A 19 -5.22 0.81 -6.16
N ARG A 20 -4.93 0.22 -7.30
CA ARG A 20 -5.74 -0.87 -7.83
C ARG A 20 -5.84 -2.03 -6.85
N VAL A 21 -4.70 -2.41 -6.28
CA VAL A 21 -4.65 -3.47 -5.28
C VAL A 21 -5.55 -3.14 -4.09
N PHE A 22 -5.44 -1.91 -3.60
CA PHE A 22 -6.26 -1.45 -2.49
C PHE A 22 -7.74 -1.56 -2.82
N ALA A 23 -8.10 -1.13 -4.04
CA ALA A 23 -9.48 -1.17 -4.49
C ALA A 23 -10.03 -2.59 -4.44
N GLU A 24 -9.19 -3.56 -4.81
CA GLU A 24 -9.58 -4.96 -4.78
C GLU A 24 -9.63 -5.49 -3.35
N THR A 25 -8.59 -5.18 -2.58
CA THR A 25 -8.54 -5.56 -1.17
C THR A 25 -7.84 -4.50 -0.33
N HIS A 26 -8.58 -3.89 0.58
CA HIS A 26 -8.08 -2.74 1.33
C HIS A 26 -6.94 -3.14 2.25
N TYR A 27 -6.91 -4.41 2.63
CA TYR A 27 -5.82 -4.93 3.45
C TYR A 27 -5.59 -6.42 3.18
N PRO A 28 -4.70 -6.72 2.25
CA PRO A 28 -4.36 -8.10 1.93
C PRO A 28 -3.82 -8.83 3.14
N ASP A 29 -3.99 -10.16 3.15
CA ASP A 29 -3.49 -10.99 4.25
C ASP A 29 -1.98 -11.14 4.17
N ILE A 30 -1.41 -11.91 5.10
CA ILE A 30 0.03 -12.00 5.24
C ILE A 30 0.68 -12.50 3.95
N TYR A 31 0.15 -13.59 3.42
CA TYR A 31 0.70 -14.19 2.20
C TYR A 31 0.60 -13.24 1.02
N THR A 32 -0.60 -12.71 0.79
CA THR A 32 -0.85 -11.86 -0.38
C THR A 32 -0.03 -10.58 -0.31
N ARG A 33 0.00 -9.96 0.86
CA ARG A 33 0.75 -8.72 1.05
C ARG A 33 2.24 -8.96 0.90
N GLU A 34 2.72 -10.09 1.42
CA GLU A 34 4.12 -10.47 1.28
C GLU A 34 4.49 -10.63 -0.20
N GLU A 35 3.64 -11.32 -0.94
CA GLU A 35 3.86 -11.53 -2.37
C GLU A 35 3.88 -10.20 -3.12
N LEU A 36 2.96 -9.31 -2.75
CA LEU A 36 2.96 -7.95 -3.28
C LEU A 36 4.28 -7.25 -2.99
N ALA A 37 4.72 -7.32 -1.74
CA ALA A 37 5.98 -6.70 -1.34
C ALA A 37 7.13 -7.17 -2.22
N LEU A 38 7.14 -8.46 -2.54
CA LEU A 38 8.18 -9.04 -3.38
C LEU A 38 8.08 -8.51 -4.81
N LYS A 39 6.85 -8.31 -5.28
CA LYS A 39 6.62 -7.86 -6.65
C LYS A 39 7.06 -6.42 -6.82
N ILE A 40 6.76 -5.58 -5.83
CA ILE A 40 7.01 -4.15 -5.94
C ILE A 40 8.37 -3.79 -5.35
N ASP A 41 8.97 -4.73 -4.64
CA ASP A 41 10.29 -4.52 -4.06
C ASP A 41 10.26 -3.51 -2.93
N LEU A 42 9.39 -3.73 -1.95
CA LEU A 42 9.29 -2.87 -0.80
C LEU A 42 9.13 -3.67 0.49
N THR A 43 9.84 -3.27 1.54
CA THR A 43 9.76 -3.94 2.82
C THR A 43 8.31 -4.18 3.24
N GLU A 44 8.00 -5.43 3.55
CA GLU A 44 6.62 -5.82 3.84
C GLU A 44 6.02 -4.95 4.94
N ALA A 45 6.85 -4.60 5.92
CA ALA A 45 6.43 -3.70 6.99
C ALA A 45 5.97 -2.36 6.43
N ARG A 46 6.72 -1.84 5.47
CA ARG A 46 6.39 -0.55 4.86
C ARG A 46 5.15 -0.68 3.97
N VAL A 47 4.97 -1.85 3.38
CA VAL A 47 3.77 -2.14 2.59
C VAL A 47 2.52 -2.10 3.47
N GLN A 48 2.61 -2.72 4.64
CA GLN A 48 1.53 -2.65 5.63
C GLN A 48 1.20 -1.20 5.97
N VAL A 49 2.23 -0.41 6.25
CA VAL A 49 2.05 0.99 6.59
C VAL A 49 1.31 1.73 5.48
N TRP A 50 1.67 1.46 4.24
CA TRP A 50 1.02 2.08 3.10
C TRP A 50 -0.47 1.80 3.09
N PHE A 51 -0.83 0.55 3.37
CA PHE A 51 -2.23 0.15 3.38
C PHE A 51 -2.98 0.82 4.52
N GLN A 52 -2.29 1.03 5.64
CA GLN A 52 -2.88 1.71 6.79
C GLN A 52 -3.06 3.20 6.50
N ASN A 53 -2.10 3.79 5.80
CA ASN A 53 -2.19 5.18 5.39
C ASN A 53 -3.30 5.39 4.38
N ARG A 54 -3.44 4.45 3.45
CA ARG A 54 -4.46 4.53 2.42
C ARG A 54 -5.84 4.21 3.00
N ARG A 55 -5.87 3.32 3.98
CA ARG A 55 -7.09 3.04 4.73
C ARG A 55 -7.61 4.29 5.43
N ALA A 56 -6.70 5.03 6.05
CA ALA A 56 -7.05 6.30 6.67
C ALA A 56 -7.66 7.25 5.65
N LYS A 57 -7.04 7.34 4.48
CA LYS A 57 -7.56 8.16 3.40
C LYS A 57 -8.96 7.71 3.00
N PHE A 58 -9.16 6.41 2.89
CA PHE A 58 -10.46 5.85 2.54
C PHE A 58 -11.53 6.27 3.54
N ARG A 59 -11.17 6.25 4.83
CA ARG A 59 -12.12 6.55 5.88
C ARG A 59 -12.17 8.04 6.18
N LYS A 60 -11.49 8.83 5.35
CA LYS A 60 -11.46 10.27 5.51
C LYS A 60 -10.82 10.67 6.84
N GLN A 61 -9.83 9.88 7.26
CA GLN A 61 -9.09 10.17 8.49
C GLN A 61 -7.67 10.62 8.20
N GLU A 62 -7.43 11.03 6.95
CA GLU A 62 -6.10 11.45 6.53
C GLU A 62 -5.61 12.63 7.36
N ARG A 63 -4.39 12.51 7.88
CA ARG A 63 -3.80 13.57 8.69
C ARG A 63 -2.29 13.40 8.81
N ALA A 1 3.63 16.97 1.32
CA ALA A 1 3.65 15.61 1.88
C ALA A 1 3.28 15.64 3.36
N SER A 2 2.83 14.50 3.87
CA SER A 2 2.47 14.38 5.28
C SER A 2 3.69 14.24 6.16
N GLN A 3 3.53 14.52 7.45
CA GLN A 3 4.62 14.40 8.41
C GLN A 3 4.36 13.28 9.41
N ARG A 4 5.08 12.17 9.25
CA ARG A 4 4.89 11.02 10.14
C ARG A 4 6.24 10.37 10.46
N ARG A 5 6.25 9.55 11.52
CA ARG A 5 7.46 8.86 11.92
C ARG A 5 7.87 7.81 10.91
N ILE A 6 6.88 7.18 10.28
CA ILE A 6 7.14 6.20 9.24
C ILE A 6 6.54 6.65 7.91
N ARG A 7 7.41 6.96 6.95
CA ARG A 7 6.96 7.37 5.62
C ARG A 7 7.74 6.65 4.53
N THR A 8 7.05 6.32 3.44
CA THR A 8 7.67 5.64 2.31
C THR A 8 7.24 6.27 0.98
N THR A 9 8.22 6.52 0.12
CA THR A 9 7.94 7.07 -1.20
C THR A 9 7.76 5.97 -2.23
N PHE A 10 6.61 5.99 -2.91
CA PHE A 10 6.30 4.99 -3.93
C PHE A 10 6.24 5.63 -5.32
N THR A 11 6.58 4.83 -6.33
CA THR A 11 6.45 5.28 -7.72
C THR A 11 5.04 5.04 -8.25
N SER A 12 4.76 5.56 -9.43
CA SER A 12 3.45 5.43 -10.04
C SER A 12 3.11 3.97 -10.32
N ALA A 13 4.14 3.18 -10.62
CA ALA A 13 3.96 1.74 -10.84
C ALA A 13 3.71 1.02 -9.53
N GLN A 14 4.44 1.39 -8.48
CA GLN A 14 4.25 0.81 -7.16
C GLN A 14 2.88 1.19 -6.59
N LEU A 15 2.49 2.44 -6.79
CA LEU A 15 1.19 2.92 -6.33
C LEU A 15 0.06 2.26 -7.10
N LYS A 16 0.28 2.02 -8.38
CA LYS A 16 -0.70 1.34 -9.22
C LYS A 16 -1.11 0.01 -8.61
N GLU A 17 -0.13 -0.80 -8.24
CA GLU A 17 -0.40 -2.11 -7.66
C GLU A 17 -1.02 -1.96 -6.27
N LEU A 18 -0.53 -1.00 -5.49
CA LEU A 18 -1.03 -0.75 -4.16
C LEU A 18 -2.51 -0.36 -4.19
N GLU A 19 -2.86 0.50 -5.14
CA GLU A 19 -4.23 0.99 -5.26
C GLU A 19 -5.16 -0.11 -5.76
N ARG A 20 -4.67 -0.90 -6.71
CA ARG A 20 -5.42 -2.04 -7.22
C ARG A 20 -5.79 -3.01 -6.10
N VAL A 21 -4.81 -3.34 -5.26
CA VAL A 21 -5.03 -4.21 -4.12
C VAL A 21 -5.97 -3.56 -3.11
N PHE A 22 -5.78 -2.25 -2.91
CA PHE A 22 -6.63 -1.50 -1.99
C PHE A 22 -8.10 -1.63 -2.37
N ALA A 23 -8.38 -1.56 -3.67
CA ALA A 23 -9.74 -1.79 -4.16
C ALA A 23 -10.24 -3.17 -3.80
N GLU A 24 -9.34 -4.16 -3.87
CA GLU A 24 -9.69 -5.53 -3.51
C GLU A 24 -9.85 -5.67 -2.00
N THR A 25 -9.03 -4.94 -1.24
CA THR A 25 -9.07 -5.01 0.21
C THR A 25 -8.27 -3.88 0.83
N HIS A 26 -8.80 -3.30 1.91
CA HIS A 26 -8.13 -2.21 2.61
C HIS A 26 -6.92 -2.71 3.38
N TYR A 27 -6.85 -4.02 3.58
CA TYR A 27 -5.68 -4.65 4.18
C TYR A 27 -5.28 -5.91 3.43
N PRO A 28 -4.05 -5.93 2.94
CA PRO A 28 -3.56 -7.06 2.14
C PRO A 28 -3.19 -8.25 3.04
N ASP A 29 -3.41 -9.46 2.54
CA ASP A 29 -3.01 -10.66 3.24
C ASP A 29 -1.61 -11.10 2.83
N ILE A 30 -1.17 -12.24 3.36
CA ILE A 30 0.19 -12.71 3.15
C ILE A 30 0.49 -12.94 1.67
N TYR A 31 -0.56 -13.29 0.92
CA TYR A 31 -0.39 -13.61 -0.49
C TYR A 31 -0.31 -12.35 -1.34
N THR A 32 -1.10 -11.35 -0.97
CA THR A 32 -1.13 -10.09 -1.71
C THR A 32 0.05 -9.20 -1.32
N ARG A 33 0.47 -9.31 -0.07
CA ARG A 33 1.66 -8.62 0.41
C ARG A 33 2.92 -9.19 -0.24
N GLU A 34 2.94 -10.50 -0.42
CA GLU A 34 4.02 -11.16 -1.15
C GLU A 34 4.14 -10.60 -2.57
N GLU A 35 3.03 -10.59 -3.29
CA GLU A 35 3.00 -10.03 -4.64
C GLU A 35 3.49 -8.58 -4.64
N LEU A 36 2.93 -7.78 -3.75
CA LEU A 36 3.30 -6.36 -3.66
C LEU A 36 4.78 -6.19 -3.34
N ALA A 37 5.27 -6.99 -2.40
CA ALA A 37 6.66 -6.91 -1.98
C ALA A 37 7.60 -7.23 -3.13
N LEU A 38 7.21 -8.20 -3.95
CA LEU A 38 8.02 -8.60 -5.10
C LEU A 38 8.01 -7.55 -6.19
N LYS A 39 6.86 -6.92 -6.39
CA LYS A 39 6.69 -5.93 -7.44
C LYS A 39 7.21 -4.57 -7.00
N ILE A 40 7.13 -4.30 -5.70
CA ILE A 40 7.54 -3.02 -5.15
C ILE A 40 9.01 -3.05 -4.74
N ASP A 41 9.47 -4.21 -4.28
CA ASP A 41 10.84 -4.36 -3.81
C ASP A 41 11.06 -3.61 -2.50
N LEU A 42 10.02 -3.54 -1.69
CA LEU A 42 10.14 -3.02 -0.33
C LEU A 42 9.56 -4.01 0.68
N THR A 43 9.75 -3.72 1.96
CA THR A 43 9.27 -4.59 3.03
C THR A 43 7.75 -4.54 3.13
N GLU A 44 7.16 -5.61 3.64
CA GLU A 44 5.71 -5.67 3.84
C GLU A 44 5.25 -4.66 4.88
N ALA A 45 6.15 -4.32 5.80
CA ALA A 45 5.87 -3.30 6.80
C ALA A 45 5.56 -1.96 6.15
N ARG A 46 6.42 -1.54 5.23
CA ARG A 46 6.21 -0.29 4.50
C ARG A 46 4.93 -0.34 3.69
N VAL A 47 4.64 -1.50 3.09
CA VAL A 47 3.41 -1.70 2.35
C VAL A 47 2.19 -1.47 3.24
N GLN A 48 2.18 -2.13 4.39
CA GLN A 48 1.03 -2.07 5.29
C GLN A 48 0.77 -0.65 5.77
N VAL A 49 1.85 0.08 6.04
CA VAL A 49 1.74 1.47 6.45
C VAL A 49 0.97 2.30 5.42
N TRP A 50 1.29 2.09 4.15
CA TRP A 50 0.60 2.77 3.06
C TRP A 50 -0.89 2.49 3.09
N PHE A 51 -1.24 1.23 3.32
CA PHE A 51 -2.64 0.81 3.33
C PHE A 51 -3.40 1.41 4.51
N GLN A 52 -2.69 1.58 5.63
CA GLN A 52 -3.27 2.22 6.81
C GLN A 52 -3.53 3.70 6.56
N ASN A 53 -2.59 4.36 5.89
CA ASN A 53 -2.73 5.76 5.54
C ASN A 53 -3.79 5.96 4.47
N ARG A 54 -3.82 5.05 3.49
CA ARG A 54 -4.77 5.12 2.39
C ARG A 54 -6.19 4.83 2.88
N ARG A 55 -6.31 3.85 3.76
CA ARG A 55 -7.59 3.54 4.39
C ARG A 55 -8.10 4.71 5.21
N ALA A 56 -7.21 5.31 5.99
CA ALA A 56 -7.57 6.45 6.82
C ALA A 56 -8.10 7.60 5.96
N LYS A 57 -7.45 7.86 4.84
CA LYS A 57 -7.88 8.89 3.91
C LYS A 57 -9.20 8.52 3.25
N PHE A 58 -9.29 7.27 2.81
CA PHE A 58 -10.52 6.78 2.18
C PHE A 58 -11.71 6.90 3.13
N ARG A 59 -11.50 6.54 4.39
CA ARG A 59 -12.58 6.54 5.38
C ARG A 59 -12.58 7.82 6.19
N LYS A 60 -11.85 8.83 5.71
CA LYS A 60 -11.73 10.09 6.42
C LYS A 60 -13.09 10.74 6.63
N GLN A 61 -13.97 10.57 5.64
CA GLN A 61 -15.28 11.24 5.66
C GLN A 61 -16.36 10.32 6.21
N GLU A 62 -15.94 9.14 6.69
CA GLU A 62 -16.88 8.19 7.27
C GLU A 62 -17.28 8.59 8.68
N ARG A 63 -18.58 8.55 8.96
CA ARG A 63 -19.10 8.93 10.26
C ARG A 63 -20.15 7.95 10.75
N ALA A 1 12.23 -7.71 -7.46
CA ALA A 1 11.99 -8.73 -6.45
C ALA A 1 13.09 -8.75 -5.39
N SER A 2 13.25 -7.63 -4.71
CA SER A 2 14.26 -7.52 -3.65
C SER A 2 13.96 -6.34 -2.73
N GLN A 3 13.90 -6.62 -1.43
CA GLN A 3 13.57 -5.60 -0.45
C GLN A 3 14.66 -4.55 -0.35
N ARG A 4 14.33 -3.32 -0.75
CA ARG A 4 15.28 -2.22 -0.70
C ARG A 4 15.41 -1.66 0.71
N ARG A 5 16.24 -2.30 1.52
CA ARG A 5 16.43 -1.88 2.91
C ARG A 5 17.55 -0.86 3.03
N ILE A 6 18.12 -0.48 1.90
CA ILE A 6 19.27 0.42 1.88
C ILE A 6 18.94 1.72 1.15
N ARG A 7 17.83 1.73 0.43
CA ARG A 7 17.43 2.87 -0.37
C ARG A 7 15.94 2.86 -0.65
N THR A 8 15.42 4.00 -1.10
CA THR A 8 14.00 4.12 -1.44
C THR A 8 13.81 4.26 -2.94
N THR A 9 13.08 3.31 -3.52
CA THR A 9 12.77 3.34 -4.95
C THR A 9 11.27 3.29 -5.18
N PHE A 10 10.50 3.65 -4.16
CA PHE A 10 9.05 3.55 -4.23
C PHE A 10 8.47 4.58 -5.21
N THR A 11 7.61 4.11 -6.11
CA THR A 11 7.01 4.97 -7.11
C THR A 11 5.52 5.19 -6.83
N SER A 12 4.96 6.22 -7.46
CA SER A 12 3.54 6.51 -7.32
C SER A 12 2.69 5.47 -8.06
N ALA A 13 3.27 4.84 -9.06
CA ALA A 13 2.62 3.73 -9.76
C ALA A 13 2.42 2.55 -8.83
N GLN A 14 3.44 2.24 -8.04
CA GLN A 14 3.33 1.19 -7.03
C GLN A 14 2.30 1.54 -5.97
N LEU A 15 2.25 2.82 -5.60
CA LEU A 15 1.23 3.30 -4.68
C LEU A 15 -0.17 3.16 -5.26
N LYS A 16 -0.30 3.42 -6.55
CA LYS A 16 -1.58 3.29 -7.25
C LYS A 16 -2.04 1.85 -7.27
N GLU A 17 -1.09 0.93 -7.40
CA GLU A 17 -1.39 -0.50 -7.36
C GLU A 17 -1.91 -0.91 -5.99
N LEU A 18 -1.33 -0.34 -4.94
CA LEU A 18 -1.81 -0.57 -3.58
C LEU A 18 -3.21 0.00 -3.38
N GLU A 19 -3.49 1.12 -4.04
CA GLU A 19 -4.84 1.68 -4.06
C GLU A 19 -5.83 0.69 -4.65
N ARG A 20 -5.44 0.06 -5.75
CA ARG A 20 -6.26 -0.99 -6.36
C ARG A 20 -6.48 -2.15 -5.38
N VAL A 21 -5.41 -2.57 -4.72
CA VAL A 21 -5.49 -3.65 -3.75
C VAL A 21 -6.52 -3.36 -2.67
N PHE A 22 -6.51 -2.13 -2.16
CA PHE A 22 -7.47 -1.71 -1.16
C PHE A 22 -8.90 -1.85 -1.66
N ALA A 23 -9.13 -1.42 -2.90
CA ALA A 23 -10.44 -1.56 -3.51
C ALA A 23 -10.86 -3.02 -3.62
N GLU A 24 -9.89 -3.89 -3.86
CA GLU A 24 -10.16 -5.32 -3.98
C GLU A 24 -10.41 -5.95 -2.62
N THR A 25 -9.64 -5.53 -1.63
CA THR A 25 -9.75 -6.07 -0.28
C THR A 25 -9.34 -5.04 0.76
N HIS A 26 -10.02 -5.06 1.91
CA HIS A 26 -9.75 -4.11 2.98
C HIS A 26 -8.39 -4.37 3.61
N TYR A 27 -7.85 -5.56 3.39
CA TYR A 27 -6.53 -5.92 3.88
C TYR A 27 -5.98 -7.15 3.16
N PRO A 28 -4.82 -7.00 2.54
CA PRO A 28 -4.20 -8.10 1.80
C PRO A 28 -3.67 -9.17 2.75
N ASP A 29 -3.71 -10.42 2.30
CA ASP A 29 -3.28 -11.54 3.13
C ASP A 29 -1.79 -11.81 2.95
N ILE A 30 -1.31 -12.87 3.59
CA ILE A 30 0.12 -13.17 3.64
C ILE A 30 0.71 -13.27 2.23
N TYR A 31 0.09 -14.09 1.40
CA TYR A 31 0.54 -14.27 0.02
C TYR A 31 0.53 -12.94 -0.73
N THR A 32 -0.56 -12.21 -0.62
CA THR A 32 -0.73 -10.96 -1.36
C THR A 32 0.33 -9.94 -0.96
N ARG A 33 0.57 -9.82 0.33
CA ARG A 33 1.53 -8.85 0.85
C ARG A 33 2.95 -9.19 0.42
N GLU A 34 3.25 -10.50 0.39
CA GLU A 34 4.55 -10.97 -0.09
C GLU A 34 4.72 -10.68 -1.57
N GLU A 35 3.67 -10.93 -2.34
CA GLU A 35 3.65 -10.59 -3.76
C GLU A 35 3.88 -9.09 -3.96
N LEU A 36 3.16 -8.28 -3.21
CA LEU A 36 3.30 -6.83 -3.28
C LEU A 36 4.71 -6.40 -2.90
N ALA A 37 5.25 -7.03 -1.86
CA ALA A 37 6.59 -6.70 -1.38
C ALA A 37 7.64 -6.92 -2.47
N LEU A 38 7.49 -8.01 -3.21
CA LEU A 38 8.45 -8.34 -4.27
C LEU A 38 8.27 -7.42 -5.47
N LYS A 39 7.03 -7.09 -5.79
CA LYS A 39 6.73 -6.24 -6.93
C LYS A 39 7.00 -4.77 -6.60
N ILE A 40 6.92 -4.43 -5.31
CA ILE A 40 7.22 -3.07 -4.86
C ILE A 40 8.68 -2.94 -4.45
N ASP A 41 9.30 -4.07 -4.11
CA ASP A 41 10.70 -4.07 -3.68
C ASP A 41 10.87 -3.34 -2.36
N LEU A 42 9.89 -3.47 -1.48
CA LEU A 42 10.01 -2.99 -0.11
C LEU A 42 9.68 -4.10 0.89
N THR A 43 9.91 -3.82 2.17
CA THR A 43 9.59 -4.77 3.23
C THR A 43 8.08 -4.89 3.42
N GLU A 44 7.65 -6.01 3.99
CA GLU A 44 6.23 -6.25 4.23
C GLU A 44 5.60 -5.11 5.02
N ALA A 45 6.33 -4.62 6.02
CA ALA A 45 5.84 -3.52 6.84
C ALA A 45 5.64 -2.25 6.02
N ARG A 46 6.63 -1.93 5.19
CA ARG A 46 6.57 -0.71 4.39
C ARG A 46 5.41 -0.76 3.40
N VAL A 47 5.15 -1.93 2.85
CA VAL A 47 4.02 -2.13 1.97
C VAL A 47 2.70 -1.82 2.68
N GLN A 48 2.59 -2.28 3.92
CA GLN A 48 1.40 -2.03 4.72
C GLN A 48 1.26 -0.55 5.05
N VAL A 49 2.37 0.12 5.29
CA VAL A 49 2.38 1.56 5.54
C VAL A 49 1.79 2.32 4.36
N TRP A 50 2.23 1.96 3.16
CA TRP A 50 1.75 2.63 1.94
C TRP A 50 0.33 2.20 1.61
N PHE A 51 -0.04 0.99 2.03
CA PHE A 51 -1.41 0.54 1.95
C PHE A 51 -2.33 1.40 2.82
N GLN A 52 -1.87 1.69 4.04
CA GLN A 52 -2.63 2.55 4.95
C GLN A 52 -2.66 3.99 4.46
N ASN A 53 -1.60 4.38 3.75
CA ASN A 53 -1.59 5.68 3.08
C ASN A 53 -2.77 5.82 2.12
N ARG A 54 -3.01 4.77 1.34
CA ARG A 54 -4.11 4.77 0.38
C ARG A 54 -5.45 4.67 1.09
N ARG A 55 -5.48 3.95 2.20
CA ARG A 55 -6.65 3.92 3.07
C ARG A 55 -7.08 5.32 3.46
N ALA A 56 -6.11 6.14 3.85
CA ALA A 56 -6.38 7.53 4.20
C ALA A 56 -7.00 8.29 3.02
N LYS A 57 -6.49 8.01 1.82
CA LYS A 57 -7.05 8.59 0.60
C LYS A 57 -8.51 8.22 0.45
N PHE A 58 -8.84 6.96 0.73
CA PHE A 58 -10.21 6.48 0.65
C PHE A 58 -11.05 7.05 1.78
N ARG A 59 -10.39 7.49 2.84
CA ARG A 59 -11.07 8.20 3.92
C ARG A 59 -11.13 9.70 3.65
N LYS A 60 -10.74 10.08 2.44
CA LYS A 60 -10.80 11.49 2.03
C LYS A 60 -9.86 12.34 2.88
N GLN A 61 -8.74 11.76 3.29
CA GLN A 61 -7.76 12.48 4.09
C GLN A 61 -6.57 12.93 3.24
N GLU A 62 -6.57 12.53 1.97
CA GLU A 62 -5.51 12.91 1.05
C GLU A 62 -5.62 14.39 0.68
N ARG A 63 -4.48 15.08 0.73
CA ARG A 63 -4.44 16.51 0.41
C ARG A 63 -3.25 16.83 -0.48
N ALA A 1 4.60 -1.44 12.43
CA ALA A 1 5.57 -0.79 11.56
C ALA A 1 5.15 0.64 11.25
N SER A 2 3.87 0.93 11.44
CA SER A 2 3.31 2.24 11.11
C SER A 2 3.85 3.32 12.04
N GLN A 3 4.35 2.90 13.18
CA GLN A 3 4.94 3.83 14.15
C GLN A 3 6.34 4.26 13.73
N ARG A 4 6.87 3.59 12.72
CA ARG A 4 8.20 3.91 12.20
C ARG A 4 8.10 4.84 11.00
N ARG A 5 9.14 5.66 10.80
CA ARG A 5 9.18 6.59 9.67
C ARG A 5 9.28 5.83 8.36
N ILE A 6 8.16 5.71 7.66
CA ILE A 6 8.13 5.03 6.36
C ILE A 6 7.62 5.96 5.27
N ARG A 7 8.49 6.30 4.34
CA ARG A 7 8.13 7.18 3.23
C ARG A 7 9.14 7.09 2.10
N THR A 8 8.95 6.10 1.22
CA THR A 8 9.86 5.89 0.10
C THR A 8 9.26 6.41 -1.21
N THR A 9 10.07 6.42 -2.26
CA THR A 9 9.63 6.89 -3.56
C THR A 9 8.99 5.77 -4.38
N PHE A 10 7.79 6.01 -4.88
CA PHE A 10 7.10 5.03 -5.71
C PHE A 10 6.90 5.53 -7.12
N THR A 11 6.89 4.62 -8.08
CA THR A 11 6.53 4.96 -9.46
C THR A 11 5.02 4.88 -9.67
N SER A 12 4.56 5.38 -10.82
CA SER A 12 3.14 5.37 -11.15
C SER A 12 2.63 3.94 -11.28
N ALA A 13 3.50 3.04 -11.72
CA ALA A 13 3.15 1.63 -11.83
C ALA A 13 3.06 0.97 -10.46
N GLN A 14 4.00 1.30 -9.59
CA GLN A 14 4.03 0.75 -8.24
C GLN A 14 2.83 1.23 -7.43
N LEU A 15 2.53 2.51 -7.54
CA LEU A 15 1.37 3.09 -6.85
C LEU A 15 0.08 2.53 -7.41
N LYS A 16 0.03 2.33 -8.72
CA LYS A 16 -1.14 1.73 -9.36
C LYS A 16 -1.45 0.36 -8.77
N GLU A 17 -0.44 -0.51 -8.73
CA GLU A 17 -0.63 -1.87 -8.25
C GLU A 17 -1.02 -1.89 -6.78
N LEU A 18 -0.42 -1.00 -6.00
CA LEU A 18 -0.79 -0.84 -4.60
C LEU A 18 -2.25 -0.41 -4.46
N GLU A 19 -2.67 0.51 -5.31
CA GLU A 19 -4.03 1.05 -5.26
C GLU A 19 -5.05 0.01 -5.72
N ARG A 20 -4.67 -0.76 -6.73
CA ARG A 20 -5.55 -1.80 -7.26
C ARG A 20 -5.93 -2.81 -6.18
N VAL A 21 -4.93 -3.27 -5.43
CA VAL A 21 -5.16 -4.22 -4.35
C VAL A 21 -5.87 -3.55 -3.18
N PHE A 22 -5.51 -2.30 -2.91
CA PHE A 22 -6.18 -1.50 -1.89
C PHE A 22 -7.67 -1.39 -2.18
N ALA A 23 -8.00 -1.15 -3.44
CA ALA A 23 -9.40 -1.09 -3.87
C ALA A 23 -10.13 -2.39 -3.57
N GLU A 24 -9.42 -3.51 -3.72
CA GLU A 24 -9.98 -4.82 -3.41
C GLU A 24 -10.17 -4.99 -1.91
N THR A 25 -9.12 -4.68 -1.15
CA THR A 25 -9.17 -4.79 0.30
C THR A 25 -8.16 -3.86 0.96
N HIS A 26 -8.52 -3.33 2.12
CA HIS A 26 -7.61 -2.49 2.89
C HIS A 26 -6.65 -3.32 3.73
N TYR A 27 -6.97 -4.60 3.88
CA TYR A 27 -6.17 -5.50 4.70
C TYR A 27 -5.77 -6.75 3.92
N PRO A 28 -4.76 -6.61 3.06
CA PRO A 28 -4.27 -7.73 2.27
C PRO A 28 -3.55 -8.75 3.15
N ASP A 29 -3.52 -10.00 2.69
CA ASP A 29 -2.89 -11.08 3.44
C ASP A 29 -1.40 -11.18 3.12
N ILE A 30 -0.73 -12.13 3.75
CA ILE A 30 0.72 -12.26 3.63
C ILE A 30 1.13 -12.47 2.18
N TYR A 31 0.39 -13.33 1.48
CA TYR A 31 0.69 -13.64 0.09
C TYR A 31 0.65 -12.39 -0.78
N THR A 32 -0.44 -11.63 -0.66
CA THR A 32 -0.64 -10.44 -1.49
C THR A 32 0.29 -9.31 -1.06
N ARG A 33 0.64 -9.29 0.22
CA ARG A 33 1.64 -8.37 0.72
C ARG A 33 3.01 -8.65 0.10
N GLU A 34 3.36 -9.93 0.04
CA GLU A 34 4.63 -10.34 -0.56
C GLU A 34 4.70 -9.93 -2.03
N GLU A 35 3.64 -10.22 -2.77
CA GLU A 35 3.55 -9.84 -4.18
C GLU A 35 3.83 -8.35 -4.36
N LEU A 36 3.09 -7.53 -3.62
CA LEU A 36 3.25 -6.08 -3.71
C LEU A 36 4.63 -5.65 -3.23
N ALA A 37 5.11 -6.28 -2.16
CA ALA A 37 6.41 -5.95 -1.59
C ALA A 37 7.52 -6.14 -2.61
N LEU A 38 7.42 -7.20 -3.40
CA LEU A 38 8.39 -7.46 -4.47
C LEU A 38 8.28 -6.42 -5.57
N LYS A 39 7.07 -5.97 -5.84
CA LYS A 39 6.82 -4.97 -6.88
C LYS A 39 7.38 -3.61 -6.47
N ILE A 40 7.26 -3.30 -5.19
CA ILE A 40 7.66 -1.98 -4.69
C ILE A 40 9.02 -2.04 -3.98
N ASP A 41 9.55 -3.25 -3.86
CA ASP A 41 10.90 -3.44 -3.33
C ASP A 41 10.97 -3.03 -1.86
N LEU A 42 9.91 -3.31 -1.12
CA LEU A 42 9.90 -3.09 0.32
C LEU A 42 9.54 -4.36 1.07
N THR A 43 9.07 -4.21 2.30
CA THR A 43 8.66 -5.35 3.12
C THR A 43 7.14 -5.49 3.14
N GLU A 44 6.67 -6.67 3.54
CA GLU A 44 5.23 -6.93 3.62
C GLU A 44 4.57 -5.99 4.61
N ALA A 45 5.30 -5.63 5.66
CA ALA A 45 4.79 -4.69 6.65
C ALA A 45 4.61 -3.30 6.05
N ARG A 46 5.59 -2.86 5.28
CA ARG A 46 5.56 -1.53 4.67
C ARG A 46 4.44 -1.43 3.64
N VAL A 47 4.12 -2.55 3.01
CA VAL A 47 2.96 -2.64 2.13
C VAL A 47 1.68 -2.29 2.89
N GLN A 48 1.48 -2.94 4.04
CA GLN A 48 0.29 -2.73 4.83
C GLN A 48 0.20 -1.29 5.34
N VAL A 49 1.35 -0.73 5.70
CA VAL A 49 1.41 0.65 6.15
C VAL A 49 0.89 1.61 5.09
N TRP A 50 1.29 1.37 3.85
CA TRP A 50 0.79 2.15 2.72
C TRP A 50 -0.73 2.09 2.64
N PHE A 51 -1.28 0.89 2.82
CA PHE A 51 -2.72 0.70 2.81
C PHE A 51 -3.38 1.43 3.97
N GLN A 52 -2.73 1.40 5.13
CA GLN A 52 -3.25 2.06 6.32
C GLN A 52 -3.30 3.57 6.14
N ASN A 53 -2.29 4.11 5.47
CA ASN A 53 -2.25 5.54 5.16
C ASN A 53 -3.38 5.94 4.23
N ARG A 54 -3.65 5.09 3.23
CA ARG A 54 -4.72 5.33 2.28
C ARG A 54 -6.09 5.16 2.94
N ARG A 55 -6.17 4.21 3.87
CA ARG A 55 -7.38 4.01 4.64
C ARG A 55 -7.66 5.19 5.55
N ALA A 56 -6.61 5.69 6.20
CA ALA A 56 -6.73 6.87 7.05
C ALA A 56 -7.20 8.08 6.26
N LYS A 57 -6.76 8.16 5.00
CA LYS A 57 -7.14 9.27 4.14
C LYS A 57 -8.18 8.84 3.12
N PHE A 58 -8.93 7.79 3.44
CA PHE A 58 -9.94 7.26 2.54
C PHE A 58 -11.15 8.19 2.46
N ARG A 59 -11.03 9.24 1.66
CA ARG A 59 -12.11 10.21 1.52
C ARG A 59 -13.05 9.83 0.38
N LYS A 60 -12.83 8.66 -0.19
CA LYS A 60 -13.71 8.14 -1.24
C LYS A 60 -15.09 7.81 -0.69
N GLN A 61 -15.16 7.57 0.61
CA GLN A 61 -16.44 7.31 1.27
C GLN A 61 -17.18 8.61 1.56
N GLU A 62 -16.48 9.73 1.41
CA GLU A 62 -17.04 11.03 1.77
C GLU A 62 -18.15 11.44 0.81
N ARG A 63 -19.25 11.93 1.38
CA ARG A 63 -20.38 12.37 0.57
C ARG A 63 -20.92 13.72 1.05
#